data_7RYM
#
_entry.id   7RYM
#
_cell.length_a   237.076
_cell.length_b   42.461
_cell.length_c   121.589
_cell.angle_alpha   90.000
_cell.angle_beta   116.132
_cell.angle_gamma   90.000
#
_symmetry.space_group_name_H-M   'C 1 2 1'
#
loop_
_entity.id
_entity.type
_entity.pdbx_description
1 polymer 'T-cell surface glycoprotein CD1a'
2 polymer Beta-2-microglobulin
3 polymer 'T cell receptor gamma variable 4,T cell receptor beta constant 1'
4 polymer 'T cell receptor delta variable 1,T cell receptor alpha chain constant'
5 non-polymer DI(HYDROXYETHYL)ETHER
6 non-polymer 'SULFATE ION'
#
loop_
_entity_poly.entity_id
_entity_poly.type
_entity_poly.pdbx_seq_one_letter_code
_entity_poly.pdbx_strand_id
1 'polypeptide(L)'
;DAATGLKEPLSFHVIWIASFYNHSWKQNLVSGWLSDLQTHTWDSNSSTIVFLWPWSRGNFSNEEWKELETLFRIRTIRSF
EGIRRYAHELQFEYPFEIQVTGGCELHSGKVSGSFLQLAYQGSDFVSFQNNSWLPYPVAGNMAKHFCKVLNQNQHENDIT
HNLLSDTCPRFILGLLDAGKAHLQRQVKPEAWLSHGPSPGPGHLQLVCHVSGFYPKPVWVMWMRGEQEQQGTQRGDILPS
ADGTWYLRATLEVAAGEAADLSCRVKHSSLEGQDIVLYWEGSLVPR
;
A
2 'polypeptide(L)'
;DAGIQRTPKIQVYSRHPAENGKSNFLNCYVSGFHPSDIEVDLLKNGERIEKVEHSDLSFSKDWSFYLLYYTEFTPTEKDE
YACRVNHVTLSQPKIVKWDRDMGSLVPR
;
B
3 'polypeptide(L)'
;MASSNLEGRTKSVIRQTGSSAEITCDLAEGSTGYIHWYLHQEGKAPQRLLYYDSYTSSVVLESGISPGKYDTYGSTRKNL
RMILRNLIENDSGVYYCATWDGDYYKKLFGSGTTLVVTEDLKNVFPPEVAVFEPSEAEISHTQKATLVCLATGFYPDHVE
LSWWVNGKEVHSGVCTDPQPLKEQPALNDSRYALSSRLRVSATFWQNPRNHFRCQVQFYGLSENDEWTQDRAKPVTQIVS
AEAWGRAD
;
C
4 'polypeptide(L)'
;MAQKVTQAQSSVSMPVRKAVTLNCLYETSWWSYYIFWYKQLPSKEMIFLIRQGSDEQNAKSGRYSVNFKKAAKSVALTIS
ALQLEDSAKYFCALGELRWPDKLIFGKGTRVTVEPNIQNPDPAVYQLRDSKSSDKSVCLFTDFDSQTNVSQSKDSDVYIT
DKCVLDMRSMDFKSNSAVAWSNKSDFACANAFNNSIIPEDTFFPSPESS
;
D
#
# COMPACT_ATOMS: atom_id res chain seq x y z
N LEU A 10 28.61 -23.95 12.80
CA LEU A 10 29.33 -24.98 12.07
C LEU A 10 28.99 -24.92 10.58
N SER A 11 28.05 -24.05 10.22
CA SER A 11 27.60 -23.93 8.84
C SER A 11 27.51 -22.46 8.46
N PHE A 12 27.74 -22.19 7.18
CA PHE A 12 27.60 -20.86 6.60
C PHE A 12 26.49 -20.89 5.57
N HIS A 13 25.55 -19.96 5.67
CA HIS A 13 24.38 -19.94 4.80
C HIS A 13 24.01 -18.50 4.43
N VAL A 14 23.43 -18.35 3.25
CA VAL A 14 22.95 -17.07 2.75
C VAL A 14 21.43 -17.10 2.73
N ILE A 15 20.80 -16.02 3.19
CA ILE A 15 19.36 -15.92 3.22
C ILE A 15 18.91 -14.80 2.29
N TRP A 16 17.70 -14.95 1.75
CA TRP A 16 17.10 -13.97 0.85
C TRP A 16 15.63 -13.81 1.23
N ILE A 17 15.21 -12.58 1.48
CA ILE A 17 13.89 -12.29 2.01
C ILE A 17 13.20 -11.31 1.06
N ALA A 18 12.36 -11.83 0.18
CA ALA A 18 11.61 -11.02 -0.78
C ALA A 18 10.20 -10.84 -0.27
N SER A 19 9.88 -9.64 0.19
CA SER A 19 8.57 -9.32 0.76
C SER A 19 7.82 -8.41 -0.22
N PHE A 20 6.72 -8.92 -0.76
CA PHE A 20 5.88 -8.18 -1.70
C PHE A 20 4.64 -7.71 -0.95
N TYR A 21 4.72 -6.50 -0.38
CA TYR A 21 3.62 -5.97 0.40
C TYR A 21 2.45 -5.56 -0.50
N ASN A 22 2.75 -5.03 -1.69
CA ASN A 22 1.70 -4.64 -2.63
C ASN A 22 2.23 -4.84 -4.05
N HIS A 23 1.40 -4.51 -5.03
CA HIS A 23 1.80 -4.62 -6.43
C HIS A 23 2.99 -3.73 -6.75
N SER A 24 3.07 -2.56 -6.11
CA SER A 24 4.14 -1.60 -6.38
C SER A 24 5.01 -1.37 -5.15
N TRP A 25 5.10 -2.37 -4.27
CA TRP A 25 5.89 -2.25 -3.06
C TRP A 25 6.55 -3.59 -2.76
N LYS A 26 7.85 -3.67 -2.99
CA LYS A 26 8.64 -4.86 -2.68
C LYS A 26 9.90 -4.46 -1.94
N GLN A 27 10.42 -5.39 -1.15
CA GLN A 27 11.69 -5.22 -0.44
C GLN A 27 12.37 -6.58 -0.38
N ASN A 28 13.51 -6.70 -1.05
CA ASN A 28 14.31 -7.92 -1.01
C ASN A 28 15.59 -7.65 -0.24
N LEU A 29 15.88 -8.49 0.75
CA LEU A 29 17.05 -8.35 1.59
C LEU A 29 17.91 -9.61 1.47
N VAL A 30 19.19 -9.42 1.18
CA VAL A 30 20.14 -10.51 1.07
C VAL A 30 21.18 -10.35 2.17
N SER A 31 21.46 -11.42 2.89
CA SER A 31 22.42 -11.39 3.98
C SER A 31 23.15 -12.71 4.07
N GLY A 32 24.45 -12.65 4.36
CA GLY A 32 25.24 -13.84 4.55
C GLY A 32 25.59 -14.08 6.00
N TRP A 33 25.21 -15.23 6.54
CA TRP A 33 25.35 -15.52 7.96
C TRP A 33 26.25 -16.71 8.20
N LEU A 34 27.02 -16.64 9.28
CA LEU A 34 27.80 -17.77 9.80
C LEU A 34 27.14 -18.19 11.10
N SER A 35 26.23 -19.16 11.02
CA SER A 35 25.45 -19.63 12.17
C SER A 35 24.64 -18.49 12.78
N ASP A 36 25.09 -17.97 13.92
CA ASP A 36 24.34 -16.94 14.62
C ASP A 36 24.72 -15.53 14.18
N LEU A 37 26.01 -15.23 14.07
CA LEU A 37 26.43 -13.89 13.70
C LEU A 37 26.40 -13.72 12.18
N GLN A 38 26.31 -12.46 11.77
CA GLN A 38 26.21 -12.09 10.36
C GLN A 38 27.58 -11.62 9.87
N THR A 39 27.90 -11.96 8.61
CA THR A 39 29.21 -11.65 8.04
C THR A 39 29.17 -10.88 6.74
N HIS A 40 28.09 -10.94 5.96
CA HIS A 40 27.99 -10.20 4.71
C HIS A 40 26.63 -9.54 4.60
N THR A 41 26.54 -8.56 3.71
CA THR A 41 25.29 -7.89 3.40
C THR A 41 25.34 -7.43 1.95
N TRP A 42 24.17 -7.21 1.37
CA TRP A 42 24.03 -6.77 -0.02
C TRP A 42 23.40 -5.39 -0.05
N ASP A 43 23.85 -4.55 -0.99
CA ASP A 43 23.32 -3.21 -1.18
C ASP A 43 22.96 -3.05 -2.65
N SER A 44 21.66 -3.13 -2.95
CA SER A 44 21.19 -2.95 -4.32
C SER A 44 21.42 -1.53 -4.82
N ASN A 45 21.58 -0.56 -3.91
CA ASN A 45 21.84 0.81 -4.33
C ASN A 45 23.15 0.91 -5.11
N SER A 46 24.18 0.19 -4.66
CA SER A 46 25.45 0.13 -5.38
C SER A 46 25.71 -1.23 -6.02
N SER A 47 24.83 -2.21 -5.81
CA SER A 47 24.97 -3.55 -6.38
C SER A 47 26.32 -4.18 -6.03
N THR A 48 26.68 -4.09 -4.77
CA THR A 48 27.96 -4.60 -4.29
C THR A 48 27.76 -5.36 -2.99
N ILE A 49 28.70 -6.25 -2.70
CA ILE A 49 28.67 -7.05 -1.47
C ILE A 49 29.40 -6.27 -0.38
N VAL A 50 28.73 -6.06 0.75
CA VAL A 50 29.27 -5.34 1.88
C VAL A 50 29.84 -6.35 2.87
N PHE A 51 31.15 -6.31 3.07
CA PHE A 51 31.81 -7.19 4.04
C PHE A 51 31.73 -6.56 5.43
N LEU A 52 31.15 -7.30 6.37
CA LEU A 52 30.88 -6.78 7.71
C LEU A 52 32.07 -6.90 8.66
N TRP A 53 33.11 -7.66 8.28
CA TRP A 53 34.28 -7.85 9.11
C TRP A 53 35.52 -7.83 8.21
N PRO A 54 36.69 -7.51 8.79
CA PRO A 54 37.92 -7.57 7.98
C PRO A 54 38.19 -8.96 7.40
N TRP A 55 37.92 -10.01 8.17
CA TRP A 55 38.15 -11.37 7.71
C TRP A 55 37.00 -11.91 6.86
N SER A 56 35.88 -11.21 6.78
CA SER A 56 34.70 -11.70 6.09
C SER A 56 34.91 -11.86 4.58
N ARG A 57 36.07 -11.47 4.05
CA ARG A 57 36.37 -11.72 2.65
C ARG A 57 36.88 -13.14 2.41
N GLY A 58 37.30 -13.84 3.45
CA GLY A 58 37.75 -15.21 3.33
C GLY A 58 39.08 -15.31 2.60
N ASN A 59 39.30 -16.50 2.03
CA ASN A 59 40.49 -16.80 1.25
C ASN A 59 40.24 -16.68 -0.25
N PHE A 60 39.39 -15.74 -0.65
CA PHE A 60 38.99 -15.59 -2.05
C PHE A 60 39.73 -14.43 -2.69
N SER A 61 39.88 -14.51 -4.01
CA SER A 61 40.60 -13.47 -4.74
C SER A 61 39.78 -12.19 -4.80
N ASN A 62 40.49 -11.06 -4.92
CA ASN A 62 39.83 -9.77 -5.09
C ASN A 62 39.05 -9.71 -6.40
N GLU A 63 39.38 -10.56 -7.37
CA GLU A 63 38.69 -10.54 -8.66
C GLU A 63 37.41 -11.36 -8.63
N GLU A 64 37.49 -12.62 -8.21
CA GLU A 64 36.31 -13.48 -8.24
C GLU A 64 35.26 -13.04 -7.23
N TRP A 65 35.62 -12.20 -6.26
CA TRP A 65 34.61 -11.56 -5.43
C TRP A 65 33.74 -10.63 -6.27
N LYS A 66 34.35 -9.87 -7.18
CA LYS A 66 33.57 -9.06 -8.11
C LYS A 66 32.77 -9.94 -9.07
N GLU A 67 33.36 -11.04 -9.53
CA GLU A 67 32.63 -11.97 -10.37
C GLU A 67 31.42 -12.56 -9.65
N LEU A 68 31.53 -12.75 -8.33
CA LEU A 68 30.39 -13.23 -7.56
C LEU A 68 29.34 -12.14 -7.37
N GLU A 69 29.78 -10.91 -7.08
CA GLU A 69 28.81 -9.83 -6.85
C GLU A 69 28.09 -9.44 -8.13
N THR A 70 28.72 -9.62 -9.29
CA THR A 70 28.00 -9.43 -10.55
C THR A 70 27.04 -10.57 -10.80
N LEU A 71 27.46 -11.81 -10.54
CA LEU A 71 26.56 -12.95 -10.67
C LEU A 71 25.38 -12.81 -9.71
N PHE A 72 25.61 -12.24 -8.53
CA PHE A 72 24.52 -12.06 -7.59
C PHE A 72 23.55 -10.98 -8.07
N ARG A 73 24.09 -9.85 -8.54
CA ARG A 73 23.21 -8.73 -8.89
C ARG A 73 22.32 -9.07 -10.08
N ILE A 74 22.85 -9.79 -11.07
CA ILE A 74 22.01 -10.24 -12.17
C ILE A 74 21.06 -11.33 -11.71
N ARG A 75 21.47 -12.13 -10.74
CA ARG A 75 20.57 -13.15 -10.21
C ARG A 75 19.49 -12.53 -9.32
N THR A 76 19.84 -11.53 -8.51
CA THR A 76 18.82 -10.97 -7.63
C THR A 76 17.85 -10.08 -8.38
N ILE A 77 18.31 -9.48 -9.48
CA ILE A 77 17.45 -8.58 -10.26
C ILE A 77 16.53 -9.38 -11.18
N ARG A 78 17.05 -10.44 -11.80
CA ARG A 78 16.21 -11.31 -12.60
C ARG A 78 15.19 -12.05 -11.75
N SER A 79 15.62 -12.57 -10.59
CA SER A 79 14.72 -13.31 -9.71
C SER A 79 13.62 -12.42 -9.17
N PHE A 80 14.00 -11.25 -8.64
CA PHE A 80 13.04 -10.40 -7.95
C PHE A 80 12.03 -9.81 -8.92
N GLU A 81 12.19 -10.09 -10.22
CA GLU A 81 11.25 -9.60 -11.22
C GLU A 81 10.46 -10.69 -11.93
N GLY A 82 10.89 -11.95 -11.86
CA GLY A 82 10.02 -13.03 -12.31
C GLY A 82 8.73 -13.06 -11.51
N ILE A 83 8.83 -12.88 -10.20
CA ILE A 83 7.64 -12.62 -9.38
C ILE A 83 7.07 -11.26 -9.77
N ARG A 84 5.74 -11.16 -9.71
CA ARG A 84 4.81 -10.14 -10.21
C ARG A 84 4.64 -10.22 -11.72
N ARG A 85 5.45 -10.99 -12.42
CA ARG A 85 5.09 -11.42 -13.77
C ARG A 85 4.41 -12.78 -13.71
N TYR A 86 4.84 -13.60 -12.76
CA TYR A 86 4.23 -14.89 -12.47
C TYR A 86 3.34 -14.83 -11.23
N ALA A 87 3.05 -13.62 -10.72
CA ALA A 87 2.22 -13.51 -9.52
C ALA A 87 0.84 -14.12 -9.75
N HIS A 88 0.17 -13.72 -10.83
CA HIS A 88 -1.08 -14.36 -11.20
C HIS A 88 -0.84 -15.81 -11.59
N GLU A 89 0.20 -16.06 -12.39
CA GLU A 89 0.50 -17.38 -12.90
C GLU A 89 0.58 -18.42 -11.79
N LEU A 90 1.50 -18.24 -10.86
CA LEU A 90 1.69 -19.17 -9.76
C LEU A 90 0.70 -18.95 -8.62
N GLN A 91 -0.34 -18.14 -8.85
CA GLN A 91 -1.41 -17.94 -7.88
C GLN A 91 -0.90 -17.36 -6.56
N PHE A 92 0.10 -16.48 -6.66
CA PHE A 92 0.61 -15.79 -5.48
C PHE A 92 -0.33 -14.66 -5.09
N GLU A 93 -0.75 -14.65 -3.83
CA GLU A 93 -1.75 -13.73 -3.33
C GLU A 93 -1.09 -12.59 -2.59
N TYR A 94 -1.32 -11.36 -3.05
CA TYR A 94 -0.80 -10.20 -2.35
C TYR A 94 -1.60 -9.96 -1.08
N PRO A 95 -0.92 -9.64 0.05
CA PRO A 95 0.53 -9.64 0.19
C PRO A 95 1.08 -11.03 0.48
N PHE A 96 2.35 -11.28 0.14
CA PHE A 96 2.96 -12.57 0.39
C PHE A 96 4.46 -12.39 0.55
N GLU A 97 5.11 -13.42 1.11
CA GLU A 97 6.53 -13.40 1.40
C GLU A 97 7.19 -14.61 0.75
N ILE A 98 8.46 -14.43 0.36
CA ILE A 98 9.30 -15.49 -0.18
C ILE A 98 10.62 -15.49 0.59
N GLN A 99 11.07 -16.67 1.01
CA GLN A 99 12.29 -16.82 1.78
C GLN A 99 13.12 -17.95 1.19
N VAL A 100 14.44 -17.76 1.17
CA VAL A 100 15.39 -18.74 0.62
C VAL A 100 16.58 -18.84 1.56
N THR A 101 17.06 -20.07 1.76
CA THR A 101 18.26 -20.32 2.56
C THR A 101 19.15 -21.29 1.80
N GLY A 102 20.44 -20.97 1.70
CA GLY A 102 21.38 -21.83 1.03
C GLY A 102 22.80 -21.74 1.57
N GLY A 103 23.45 -22.88 1.73
CA GLY A 103 24.80 -22.88 2.26
C GLY A 103 25.35 -24.28 2.38
N CYS A 104 26.31 -24.43 3.30
CA CYS A 104 26.98 -25.71 3.50
C CYS A 104 27.45 -25.78 4.95
N GLU A 105 27.80 -27.00 5.38
CA GLU A 105 28.15 -27.29 6.76
C GLU A 105 29.62 -27.67 6.87
N LEU A 106 30.01 -28.04 8.09
CA LEU A 106 31.41 -28.33 8.40
C LEU A 106 31.82 -29.69 7.83
N HIS A 107 33.12 -29.94 7.87
CA HIS A 107 33.73 -31.18 7.37
C HIS A 107 33.36 -31.45 5.92
N SER A 112 29.95 -32.13 4.95
CA SER A 112 29.99 -31.16 3.86
C SER A 112 28.71 -31.21 3.03
N GLY A 113 27.57 -31.22 3.71
CA GLY A 113 26.29 -31.26 3.03
C GLY A 113 25.88 -29.88 2.55
N SER A 114 25.45 -29.80 1.29
CA SER A 114 25.04 -28.55 0.68
C SER A 114 23.52 -28.52 0.57
N PHE A 115 22.91 -27.45 1.09
CA PHE A 115 21.47 -27.33 1.15
C PHE A 115 21.00 -26.07 0.43
N LEU A 116 19.73 -26.10 0.02
CA LEU A 116 19.07 -24.92 -0.53
C LEU A 116 17.56 -25.11 -0.46
N GLN A 117 16.86 -24.21 0.23
CA GLN A 117 15.43 -24.36 0.45
C GLN A 117 14.72 -23.03 0.24
N LEU A 118 13.45 -23.12 -0.14
CA LEU A 118 12.62 -21.95 -0.41
C LEU A 118 11.31 -22.06 0.36
N ALA A 119 10.81 -20.93 0.82
CA ALA A 119 9.58 -20.88 1.60
C ALA A 119 8.65 -19.81 1.04
N TYR A 120 7.39 -20.17 0.83
CA TYR A 120 6.35 -19.24 0.44
C TYR A 120 5.30 -19.18 1.54
N GLN A 121 5.02 -17.97 2.02
CA GLN A 121 4.11 -17.77 3.14
C GLN A 121 4.51 -18.64 4.33
N GLY A 122 5.78 -18.54 4.72
CA GLY A 122 6.28 -19.17 5.93
C GLY A 122 6.42 -20.68 5.89
N SER A 123 5.85 -21.36 4.90
CA SER A 123 5.87 -22.81 4.82
C SER A 123 6.83 -23.27 3.72
N ASP A 124 7.34 -24.49 3.88
CA ASP A 124 8.23 -25.07 2.89
C ASP A 124 7.53 -25.17 1.55
N PHE A 125 8.08 -24.50 0.54
CA PHE A 125 7.50 -24.53 -0.80
C PHE A 125 8.24 -25.47 -1.74
N VAL A 126 9.52 -25.21 -1.99
CA VAL A 126 10.33 -26.03 -2.89
C VAL A 126 11.73 -26.16 -2.30
N SER A 127 12.50 -27.06 -2.90
CA SER A 127 13.88 -27.30 -2.48
C SER A 127 14.71 -27.66 -3.69
N PHE A 128 16.03 -27.52 -3.54
CA PHE A 128 16.99 -27.86 -4.58
C PHE A 128 17.83 -29.03 -4.10
N GLN A 129 17.82 -30.12 -4.85
CA GLN A 129 18.55 -31.34 -4.51
C GLN A 129 19.36 -31.81 -5.70
N ASN A 130 20.59 -32.23 -5.43
CA ASN A 130 21.53 -32.69 -6.45
C ASN A 130 21.69 -31.66 -7.56
N ASN A 131 20.87 -31.75 -8.60
CA ASN A 131 20.95 -30.79 -9.70
C ASN A 131 19.59 -30.34 -10.20
N SER A 132 18.54 -30.43 -9.39
CA SER A 132 17.20 -30.09 -9.85
C SER A 132 16.39 -29.53 -8.69
N TRP A 133 15.30 -28.85 -9.05
CA TRP A 133 14.35 -28.34 -8.07
C TRP A 133 13.28 -29.39 -7.80
N LEU A 134 13.11 -29.76 -6.52
CA LEU A 134 12.13 -30.74 -6.12
C LEU A 134 11.08 -30.11 -5.24
N PRO A 135 9.80 -30.41 -5.48
CA PRO A 135 8.74 -29.85 -4.63
C PRO A 135 8.57 -30.67 -3.36
N TYR A 136 8.19 -29.98 -2.30
CA TYR A 136 7.81 -30.66 -1.07
C TYR A 136 6.45 -31.30 -1.27
N PRO A 137 6.28 -32.59 -0.93
CA PRO A 137 4.99 -33.25 -1.17
C PRO A 137 3.82 -32.56 -0.48
N VAL A 138 4.05 -32.00 0.70
CA VAL A 138 2.97 -31.35 1.44
C VAL A 138 2.56 -30.04 0.78
N ALA A 139 3.48 -29.42 0.03
CA ALA A 139 3.23 -28.08 -0.49
C ALA A 139 2.11 -28.04 -1.53
N GLY A 140 1.79 -29.17 -2.16
CA GLY A 140 0.71 -29.21 -3.12
C GLY A 140 1.16 -29.11 -4.57
N ASN A 141 0.31 -28.53 -5.41
CA ASN A 141 0.61 -28.44 -6.84
C ASN A 141 1.31 -27.15 -7.23
N MET A 142 1.19 -26.10 -6.42
CA MET A 142 1.91 -24.85 -6.70
C MET A 142 3.41 -25.11 -6.81
N ALA A 143 3.95 -25.88 -5.87
CA ALA A 143 5.39 -26.16 -5.86
C ALA A 143 5.82 -26.87 -7.15
N LYS A 144 5.00 -27.81 -7.63
CA LYS A 144 5.31 -28.49 -8.88
C LYS A 144 5.41 -27.49 -10.03
N HIS A 145 4.42 -26.61 -10.15
CA HIS A 145 4.46 -25.54 -11.14
C HIS A 145 5.71 -24.69 -10.95
N PHE A 146 5.94 -24.23 -9.71
CA PHE A 146 7.10 -23.42 -9.41
C PHE A 146 8.40 -24.16 -9.69
N CYS A 147 8.45 -25.46 -9.37
CA CYS A 147 9.62 -26.26 -9.69
C CYS A 147 9.84 -26.33 -11.19
N LYS A 148 8.76 -26.47 -11.96
CA LYS A 148 8.89 -26.57 -13.41
C LYS A 148 9.43 -25.28 -14.02
N VAL A 149 8.93 -24.12 -13.56
CA VAL A 149 9.44 -22.86 -14.10
C VAL A 149 10.87 -22.63 -13.65
N LEU A 150 11.25 -23.09 -12.45
CA LEU A 150 12.65 -23.00 -12.05
C LEU A 150 13.51 -24.02 -12.78
N ASN A 151 12.93 -25.17 -13.15
CA ASN A 151 13.65 -26.20 -13.87
C ASN A 151 13.79 -25.90 -15.35
N GLN A 152 13.15 -24.83 -15.84
CA GLN A 152 13.15 -24.51 -17.27
C GLN A 152 14.54 -24.26 -17.81
N ASN A 153 15.21 -23.21 -17.32
CA ASN A 153 16.52 -22.87 -17.83
C ASN A 153 17.54 -23.70 -17.10
N GLN A 154 18.33 -24.46 -17.84
CA GLN A 154 19.24 -25.42 -17.27
C GLN A 154 20.58 -24.81 -16.89
N HIS A 155 20.93 -23.68 -17.51
CA HIS A 155 22.16 -22.97 -17.17
C HIS A 155 22.13 -22.48 -15.72
N GLU A 156 21.00 -21.93 -15.28
CA GLU A 156 20.90 -21.42 -13.92
C GLU A 156 21.14 -22.53 -12.90
N ASN A 157 20.53 -23.70 -13.11
CA ASN A 157 20.67 -24.79 -12.16
C ASN A 157 22.07 -25.39 -12.20
N ASP A 158 22.74 -25.31 -13.36
CA ASP A 158 24.18 -25.60 -13.38
C ASP A 158 24.94 -24.62 -12.51
N ILE A 159 24.64 -23.33 -12.67
CA ILE A 159 25.33 -22.29 -11.91
C ILE A 159 25.04 -22.45 -10.42
N THR A 160 23.79 -22.72 -10.08
CA THR A 160 23.43 -22.92 -8.67
C THR A 160 24.18 -24.10 -8.08
N HIS A 161 24.18 -25.23 -8.79
CA HIS A 161 24.83 -26.44 -8.26
C HIS A 161 26.34 -26.26 -8.19
N ASN A 162 26.92 -25.47 -9.10
CA ASN A 162 28.34 -25.15 -8.99
C ASN A 162 28.64 -24.42 -7.70
N LEU A 163 27.79 -23.45 -7.34
CA LEU A 163 27.96 -22.71 -6.09
C LEU A 163 27.91 -23.63 -4.89
N LEU A 164 26.83 -24.41 -4.78
CA LEU A 164 26.57 -25.18 -3.57
C LEU A 164 27.61 -26.28 -3.37
N SER A 165 28.02 -26.94 -4.46
CA SER A 165 28.92 -28.08 -4.36
C SER A 165 30.38 -27.65 -4.20
N ASP A 166 30.81 -26.63 -4.95
CA ASP A 166 32.22 -26.28 -5.03
C ASP A 166 32.56 -25.01 -4.26
N THR A 167 31.89 -23.90 -4.54
CA THR A 167 32.31 -22.62 -3.99
C THR A 167 32.06 -22.54 -2.48
N CYS A 168 30.93 -23.08 -2.02
CA CYS A 168 30.60 -22.98 -0.61
C CYS A 168 31.64 -23.65 0.30
N PRO A 169 32.07 -24.90 0.06
CA PRO A 169 33.08 -25.47 0.97
C PRO A 169 34.42 -24.78 0.89
N ARG A 170 34.88 -24.43 -0.31
CA ARG A 170 36.19 -23.77 -0.43
C ARG A 170 36.16 -22.36 0.14
N PHE A 171 34.98 -21.74 0.27
CA PHE A 171 34.87 -20.43 0.88
C PHE A 171 34.76 -20.51 2.40
N ILE A 172 33.94 -21.43 2.90
CA ILE A 172 33.74 -21.55 4.35
C ILE A 172 35.04 -21.97 5.04
N LEU A 173 35.90 -22.71 4.33
CA LEU A 173 37.21 -23.05 4.89
C LEU A 173 38.06 -21.81 5.08
N GLY A 174 38.09 -20.93 4.07
CA GLY A 174 38.81 -19.68 4.21
C GLY A 174 38.19 -18.74 5.22
N LEU A 175 36.86 -18.74 5.34
CA LEU A 175 36.18 -17.85 6.26
C LEU A 175 36.44 -18.26 7.71
N LEU A 176 36.32 -19.55 8.02
CA LEU A 176 36.56 -20.01 9.38
C LEU A 176 38.02 -19.84 9.77
N ASP A 177 38.94 -20.01 8.83
CA ASP A 177 40.37 -19.84 9.14
C ASP A 177 40.68 -18.39 9.47
N ALA A 178 40.19 -17.45 8.67
CA ALA A 178 40.46 -16.04 8.92
C ALA A 178 39.70 -15.50 10.13
N GLY A 179 38.61 -16.14 10.51
CA GLY A 179 37.84 -15.76 11.68
C GLY A 179 38.21 -16.47 12.95
N LYS A 180 39.34 -17.19 12.97
CA LYS A 180 39.73 -17.96 14.15
C LYS A 180 39.95 -17.05 15.35
N ALA A 181 40.59 -15.90 15.14
CA ALA A 181 40.83 -14.98 16.24
C ALA A 181 39.52 -14.42 16.80
N HIS A 182 38.49 -14.34 15.97
CA HIS A 182 37.20 -13.80 16.41
C HIS A 182 36.19 -14.87 16.78
N LEU A 183 36.37 -16.11 16.32
CA LEU A 183 35.44 -17.17 16.67
C LEU A 183 35.69 -17.71 18.07
N GLN A 184 36.95 -18.06 18.37
CA GLN A 184 37.30 -18.60 19.67
C GLN A 184 37.82 -17.53 20.62
N ARG A 185 37.52 -16.26 20.36
CA ARG A 185 37.73 -15.23 21.35
C ARG A 185 36.78 -15.45 22.53
N GLN A 186 37.19 -15.00 23.71
CA GLN A 186 36.43 -15.23 24.92
C GLN A 186 36.15 -13.92 25.63
N VAL A 187 34.89 -13.70 26.00
CA VAL A 187 34.47 -12.53 26.76
C VAL A 187 33.85 -13.03 28.06
N LYS A 188 34.29 -12.47 29.18
CA LYS A 188 33.80 -12.90 30.47
C LYS A 188 32.37 -12.38 30.71
N PRO A 189 31.52 -13.15 31.39
CA PRO A 189 30.15 -12.68 31.64
C PRO A 189 30.10 -11.64 32.75
N GLU A 190 28.88 -11.19 33.07
CA GLU A 190 28.66 -10.32 34.20
C GLU A 190 27.21 -10.53 34.66
N ALA A 191 27.00 -10.54 35.97
CA ALA A 191 25.72 -10.94 36.53
C ALA A 191 25.25 -9.95 37.58
N TRP A 192 23.93 -9.82 37.69
CA TRP A 192 23.31 -9.05 38.77
C TRP A 192 21.97 -9.68 39.10
N LEU A 193 21.65 -9.70 40.39
CA LEU A 193 20.39 -10.25 40.88
C LEU A 193 19.37 -9.14 41.07
N SER A 194 18.10 -9.51 41.03
CA SER A 194 17.02 -8.54 41.12
C SER A 194 15.73 -9.25 41.51
N HIS A 195 14.67 -8.45 41.64
CA HIS A 195 13.34 -8.98 41.94
C HIS A 195 12.57 -9.18 40.65
N GLY A 196 11.73 -10.22 40.63
CA GLY A 196 10.87 -10.48 39.50
C GLY A 196 9.41 -10.40 39.90
N PRO A 197 8.51 -10.53 38.92
CA PRO A 197 7.08 -10.59 39.23
C PRO A 197 6.77 -11.77 40.12
N SER A 198 6.04 -11.51 41.20
CA SER A 198 5.71 -12.57 42.14
C SER A 198 4.80 -13.60 41.47
N PRO A 199 5.08 -14.89 41.65
CA PRO A 199 4.26 -15.93 41.00
C PRO A 199 2.96 -16.25 41.72
N GLY A 200 2.65 -15.53 42.81
CA GLY A 200 1.45 -15.78 43.56
C GLY A 200 1.50 -15.13 44.93
N PRO A 201 0.68 -15.61 45.86
CA PRO A 201 0.68 -15.08 47.22
C PRO A 201 1.70 -15.77 48.11
N GLY A 202 2.35 -14.99 48.96
CA GLY A 202 3.39 -15.51 49.82
C GLY A 202 4.55 -16.12 49.08
N HIS A 203 4.76 -15.73 47.82
CA HIS A 203 5.84 -16.26 46.99
C HIS A 203 6.59 -15.11 46.35
N LEU A 204 7.91 -15.18 46.41
CA LEU A 204 8.79 -14.23 45.73
C LEU A 204 9.43 -14.90 44.52
N GLN A 205 9.92 -14.07 43.60
CA GLN A 205 10.66 -14.55 42.43
C GLN A 205 12.05 -13.93 42.45
N LEU A 206 13.07 -14.80 42.50
CA LEU A 206 14.46 -14.39 42.49
C LEU A 206 15.00 -14.51 41.09
N VAL A 207 15.54 -13.41 40.55
CA VAL A 207 16.01 -13.36 39.17
C VAL A 207 17.51 -13.15 39.16
N CYS A 208 18.20 -13.86 38.28
CA CYS A 208 19.67 -13.81 38.16
C CYS A 208 20.02 -13.51 36.71
N HIS A 209 20.13 -12.22 36.38
CA HIS A 209 20.51 -11.83 35.03
C HIS A 209 22.00 -12.08 34.80
N VAL A 210 22.34 -12.51 33.59
CA VAL A 210 23.72 -12.66 33.15
C VAL A 210 23.84 -12.06 31.75
N SER A 211 24.91 -11.31 31.51
CA SER A 211 25.09 -10.66 30.21
C SER A 211 26.57 -10.50 29.90
N GLY A 212 26.86 -10.27 28.63
CA GLY A 212 28.21 -9.97 28.19
C GLY A 212 29.08 -11.16 27.84
N PHE A 213 28.58 -12.38 28.01
CA PHE A 213 29.40 -13.55 27.73
C PHE A 213 29.40 -13.89 26.25
N TYR A 214 30.54 -14.44 25.81
CA TYR A 214 30.70 -15.03 24.49
C TYR A 214 31.77 -16.10 24.65
N PRO A 215 31.58 -17.29 24.05
CA PRO A 215 30.43 -17.69 23.23
C PRO A 215 29.16 -18.02 24.00
N LYS A 216 28.17 -18.55 23.28
CA LYS A 216 26.89 -18.88 23.89
C LYS A 216 26.98 -19.94 24.98
N PRO A 217 27.75 -21.05 24.85
CA PRO A 217 27.72 -22.10 25.90
C PRO A 217 27.99 -21.58 27.31
N VAL A 218 27.01 -21.73 28.21
CA VAL A 218 27.10 -21.27 29.59
C VAL A 218 26.49 -22.30 30.55
N TRP A 219 26.56 -21.97 31.83
CA TRP A 219 26.03 -22.78 32.92
C TRP A 219 25.58 -21.83 34.01
N VAL A 220 24.29 -21.82 34.32
CA VAL A 220 23.71 -20.88 35.28
C VAL A 220 22.63 -21.63 36.06
N MET A 221 22.67 -21.53 37.38
CA MET A 221 21.71 -22.24 38.23
C MET A 221 21.72 -21.64 39.62
N TRP A 222 20.53 -21.50 40.20
CA TRP A 222 20.44 -21.08 41.60
C TRP A 222 20.91 -22.20 42.52
N MET A 223 21.55 -21.81 43.62
CA MET A 223 22.24 -22.76 44.47
C MET A 223 21.87 -22.52 45.93
N ARG A 224 22.00 -23.56 46.75
CA ARG A 224 21.88 -23.47 48.20
C ARG A 224 23.05 -24.27 48.75
N GLY A 225 24.20 -23.63 48.90
CA GLY A 225 25.39 -24.34 49.33
C GLY A 225 25.99 -25.10 48.17
N GLU A 226 25.80 -26.42 48.15
CA GLU A 226 26.15 -27.25 47.02
C GLU A 226 24.95 -27.98 46.43
N GLN A 227 23.74 -27.73 46.93
CA GLN A 227 22.54 -28.36 46.42
C GLN A 227 21.90 -27.46 45.36
N GLU A 228 22.02 -27.86 44.10
CA GLU A 228 21.41 -27.08 43.02
C GLU A 228 19.89 -27.07 43.17
N GLN A 229 19.33 -25.89 43.43
CA GLN A 229 17.88 -25.76 43.50
C GLN A 229 17.28 -26.10 42.14
N GLN A 230 16.55 -27.21 42.07
CA GLN A 230 16.08 -27.73 40.79
C GLN A 230 14.94 -26.91 40.20
N GLY A 231 14.30 -26.04 40.97
CA GLY A 231 13.22 -25.22 40.46
C GLY A 231 13.69 -23.99 39.73
N THR A 232 14.90 -24.06 39.17
CA THR A 232 15.50 -22.92 38.48
C THR A 232 14.99 -22.88 37.04
N GLN A 233 14.39 -21.74 36.66
CA GLN A 233 13.80 -21.57 35.34
C GLN A 233 14.77 -20.75 34.49
N ARG A 234 15.52 -21.44 33.62
CA ARG A 234 16.49 -20.80 32.76
C ARG A 234 15.81 -20.31 31.49
N GLY A 235 15.95 -19.02 31.20
CA GLY A 235 15.30 -18.42 30.06
C GLY A 235 16.10 -18.59 28.77
N ASP A 236 15.64 -17.89 27.75
CA ASP A 236 16.29 -17.95 26.44
C ASP A 236 17.54 -17.09 26.43
N ILE A 237 18.41 -17.37 25.47
CA ILE A 237 19.66 -16.63 25.27
C ILE A 237 19.40 -15.57 24.20
N LEU A 238 19.55 -14.30 24.58
CA LEU A 238 19.22 -13.18 23.71
C LEU A 238 20.46 -12.40 23.33
N PRO A 239 20.49 -11.81 22.13
CA PRO A 239 21.66 -11.03 21.71
C PRO A 239 21.66 -9.64 22.32
N SER A 240 22.78 -8.92 22.10
CA SER A 240 22.94 -7.59 22.67
C SER A 240 23.57 -6.60 21.69
N ALA A 241 23.61 -6.91 20.39
CA ALA A 241 24.10 -6.05 19.32
C ALA A 241 25.61 -5.82 19.37
N ASP A 242 26.35 -6.58 20.17
CA ASP A 242 27.80 -6.47 20.20
C ASP A 242 28.50 -7.83 20.10
N GLY A 243 27.75 -8.89 19.80
CA GLY A 243 28.30 -10.23 19.76
C GLY A 243 28.15 -11.02 21.05
N THR A 244 27.80 -10.36 22.14
CA THR A 244 27.59 -11.03 23.41
C THR A 244 26.13 -11.46 23.55
N TRP A 245 25.82 -12.15 24.64
CA TRP A 245 24.49 -12.69 24.85
C TRP A 245 23.93 -12.22 26.19
N TYR A 246 22.78 -12.78 26.56
CA TYR A 246 22.07 -12.41 27.78
C TYR A 246 21.18 -13.57 28.18
N LEU A 247 21.02 -13.76 29.49
CA LEU A 247 20.20 -14.85 30.00
C LEU A 247 19.80 -14.54 31.43
N ARG A 248 18.51 -14.65 31.72
CA ARG A 248 18.00 -14.50 33.07
C ARG A 248 17.42 -15.83 33.55
N ALA A 249 17.78 -16.22 34.77
CA ALA A 249 17.27 -17.44 35.39
C ALA A 249 16.50 -17.05 36.65
N THR A 250 15.28 -17.56 36.78
CA THR A 250 14.41 -17.21 37.90
C THR A 250 14.17 -18.42 38.79
N LEU A 251 13.64 -18.15 39.97
CA LEU A 251 13.35 -19.18 40.96
C LEU A 251 12.29 -18.65 41.92
N GLU A 252 11.34 -19.51 42.26
CA GLU A 252 10.20 -19.15 43.09
C GLU A 252 10.36 -19.75 44.48
N VAL A 253 10.13 -18.91 45.50
CA VAL A 253 10.32 -19.30 46.89
C VAL A 253 9.09 -18.88 47.68
N ALA A 254 8.98 -19.40 48.90
CA ALA A 254 7.79 -19.18 49.74
C ALA A 254 7.96 -18.01 50.69
N ALA A 255 8.38 -16.85 50.16
CA ALA A 255 8.47 -15.60 50.93
C ALA A 255 9.44 -15.72 52.10
N GLY A 256 10.10 -16.87 52.21
CA GLY A 256 10.99 -17.18 53.31
C GLY A 256 11.77 -18.42 52.94
N GLU A 257 12.76 -18.73 53.78
CA GLU A 257 13.75 -19.76 53.46
C GLU A 257 14.39 -19.47 52.10
N ALA A 258 14.66 -18.19 51.87
CA ALA A 258 15.23 -17.72 50.61
C ALA A 258 16.44 -16.82 50.77
N ALA A 259 16.72 -16.34 51.99
CA ALA A 259 17.85 -15.45 52.22
C ALA A 259 19.19 -16.17 52.17
N ASP A 260 19.20 -17.50 52.02
CA ASP A 260 20.42 -18.28 51.96
C ASP A 260 20.71 -18.80 50.54
N LEU A 261 20.09 -18.20 49.53
CA LEU A 261 20.21 -18.67 48.16
C LEU A 261 21.24 -17.86 47.38
N SER A 262 21.88 -18.51 46.42
CA SER A 262 22.91 -17.91 45.59
C SER A 262 22.77 -18.38 44.16
N CYS A 263 23.33 -17.59 43.24
CA CYS A 263 23.33 -17.90 41.82
C CYS A 263 24.76 -18.12 41.35
N ARG A 264 25.03 -19.30 40.80
CA ARG A 264 26.36 -19.67 40.34
C ARG A 264 26.40 -19.66 38.81
N VAL A 265 27.48 -19.13 38.26
CA VAL A 265 27.65 -19.03 36.82
C VAL A 265 28.97 -19.69 36.42
N LYS A 266 28.90 -20.62 35.47
CA LYS A 266 30.09 -21.22 34.88
C LYS A 266 30.17 -20.85 33.41
N HIS A 267 31.35 -20.43 32.95
CA HIS A 267 31.55 -20.12 31.55
C HIS A 267 32.98 -20.47 31.17
N SER A 268 33.20 -20.68 29.87
CA SER A 268 34.52 -21.04 29.37
C SER A 268 35.51 -19.89 29.44
N SER A 269 35.04 -18.67 29.69
CA SER A 269 35.92 -17.51 29.81
C SER A 269 36.32 -17.20 31.25
N LEU A 270 35.58 -17.71 32.23
CA LEU A 270 35.91 -17.50 33.62
C LEU A 270 37.08 -18.33 34.09
N GLU A 271 37.58 -19.24 33.26
CA GLU A 271 38.78 -20.03 33.54
C GLU A 271 38.62 -20.87 34.81
N GLY A 272 37.41 -21.38 35.03
CA GLY A 272 37.16 -22.25 36.16
C GLY A 272 36.87 -21.57 37.47
N GLN A 273 36.61 -20.26 37.46
CA GLN A 273 36.25 -19.52 38.66
C GLN A 273 34.81 -19.04 38.51
N ASP A 274 33.89 -19.76 39.15
CA ASP A 274 32.47 -19.47 38.99
C ASP A 274 32.08 -18.15 39.65
N ILE A 275 31.29 -17.35 38.94
CA ILE A 275 30.69 -16.16 39.53
C ILE A 275 29.57 -16.58 40.49
N VAL A 276 29.61 -16.08 41.71
CA VAL A 276 28.63 -16.41 42.73
C VAL A 276 28.12 -15.11 43.34
N LEU A 277 26.80 -14.96 43.39
CA LEU A 277 26.14 -13.80 44.00
C LEU A 277 25.15 -14.29 45.04
N TYR A 278 25.05 -13.54 46.14
CA TYR A 278 24.31 -13.98 47.32
C TYR A 278 23.13 -13.05 47.58
N TRP A 279 21.94 -13.62 47.71
CA TRP A 279 20.72 -12.83 47.84
C TRP A 279 20.66 -12.10 49.17
N GLU A 280 20.22 -10.85 49.13
CA GLU A 280 20.02 -10.06 50.34
C GLU A 280 18.55 -9.96 50.76
N GLY A 281 17.71 -9.42 49.89
CA GLY A 281 16.30 -9.29 50.20
C GLY A 281 15.92 -8.10 51.07
N SER A 282 16.56 -6.95 50.86
CA SER A 282 16.20 -5.74 51.59
C SER A 282 16.63 -4.48 50.84
N GLY B 3 -4.05 -18.56 9.96
CA GLY B 3 -3.48 -19.86 9.70
C GLY B 3 -1.96 -19.85 9.62
N ILE B 4 -1.41 -18.81 9.00
CA ILE B 4 0.04 -18.67 8.87
C ILE B 4 0.43 -17.28 9.38
N GLN B 5 -0.32 -16.76 10.35
CA GLN B 5 -0.06 -15.47 10.96
C GLN B 5 0.47 -15.70 12.37
N ARG B 6 1.72 -15.32 12.62
CA ARG B 6 2.41 -15.61 13.88
C ARG B 6 2.68 -14.33 14.64
N THR B 7 2.39 -14.34 15.94
CA THR B 7 2.53 -13.18 16.82
C THR B 7 3.97 -13.09 17.35
N PRO B 8 4.61 -11.92 17.31
CA PRO B 8 6.00 -11.83 17.77
C PRO B 8 6.13 -11.97 19.28
N LYS B 9 7.29 -12.48 19.69
CA LYS B 9 7.65 -12.60 21.11
C LYS B 9 8.52 -11.41 21.49
N ILE B 10 8.09 -10.65 22.49
CA ILE B 10 8.73 -9.39 22.86
C ILE B 10 9.46 -9.58 24.18
N GLN B 11 10.76 -9.31 24.18
CA GLN B 11 11.60 -9.49 25.36
C GLN B 11 12.42 -8.22 25.59
N VAL B 12 12.38 -7.71 26.81
CA VAL B 12 13.02 -6.44 27.17
C VAL B 12 14.09 -6.71 28.22
N TYR B 13 15.29 -6.17 28.00
CA TYR B 13 16.39 -6.41 28.92
C TYR B 13 17.44 -5.32 28.74
N SER B 14 18.32 -5.22 29.74
CA SER B 14 19.39 -4.23 29.74
C SER B 14 20.74 -4.94 29.70
N ARG B 15 21.68 -4.34 28.96
CA ARG B 15 23.01 -4.93 28.82
C ARG B 15 23.74 -4.97 30.15
N HIS B 16 23.59 -3.92 30.96
CA HIS B 16 24.30 -3.75 32.21
C HIS B 16 23.32 -3.58 33.35
N PRO B 17 23.74 -3.84 34.59
CA PRO B 17 22.84 -3.62 35.73
C PRO B 17 22.41 -2.16 35.81
N ALA B 18 21.17 -1.95 36.25
CA ALA B 18 20.63 -0.61 36.37
C ALA B 18 21.34 0.16 37.48
N GLU B 19 21.74 1.39 37.17
CA GLU B 19 22.45 2.23 38.13
C GLU B 19 22.19 3.68 37.75
N ASN B 20 21.51 4.41 38.63
CA ASN B 20 21.12 5.79 38.31
C ASN B 20 22.34 6.65 38.03
N GLY B 21 22.33 7.32 36.87
CA GLY B 21 23.39 8.21 36.47
C GLY B 21 24.39 7.61 35.49
N LYS B 22 24.49 6.29 35.43
CA LYS B 22 25.43 5.63 34.53
C LYS B 22 24.74 5.24 33.23
N SER B 23 25.45 5.42 32.12
CA SER B 23 24.91 5.06 30.82
C SER B 23 24.76 3.55 30.69
N ASN B 24 23.78 3.14 29.88
CA ASN B 24 23.47 1.72 29.72
C ASN B 24 22.83 1.53 28.35
N PHE B 25 22.50 0.28 28.02
CA PHE B 25 21.85 -0.07 26.77
C PHE B 25 20.57 -0.84 27.05
N LEU B 26 19.52 -0.50 26.33
CA LEU B 26 18.21 -1.15 26.47
C LEU B 26 17.93 -1.92 25.19
N ASN B 27 17.68 -3.22 25.33
CA ASN B 27 17.44 -4.10 24.19
C ASN B 27 16.00 -4.60 24.22
N CYS B 28 15.29 -4.42 23.11
CA CYS B 28 14.00 -5.06 22.88
C CYS B 28 14.17 -6.07 21.75
N TYR B 29 13.60 -7.26 21.94
CA TYR B 29 13.83 -8.38 21.03
C TYR B 29 12.47 -8.93 20.60
N VAL B 30 12.16 -8.80 19.31
CA VAL B 30 10.93 -9.34 18.74
C VAL B 30 11.31 -10.57 17.94
N SER B 31 10.72 -11.70 18.30
CA SER B 31 10.99 -12.97 17.65
C SER B 31 9.68 -13.70 17.41
N GLY B 32 9.72 -14.62 16.46
CA GLY B 32 8.60 -15.50 16.24
C GLY B 32 7.38 -14.90 15.55
N PHE B 33 7.56 -14.27 14.39
CA PHE B 33 6.41 -13.80 13.62
C PHE B 33 6.68 -13.99 12.13
N HIS B 34 5.61 -14.31 11.38
CA HIS B 34 5.66 -14.31 9.92
C HIS B 34 4.50 -13.64 9.18
N PRO B 35 4.01 -12.49 9.63
CA PRO B 35 3.52 -11.50 8.66
C PRO B 35 4.67 -10.63 8.13
N SER B 36 5.69 -10.44 8.97
CA SER B 36 6.98 -9.86 8.62
C SER B 36 7.00 -8.34 8.48
N ASP B 37 5.99 -7.62 8.97
CA ASP B 37 6.01 -6.16 8.88
C ASP B 37 5.38 -5.63 10.16
N ILE B 38 6.13 -4.81 10.89
CA ILE B 38 5.86 -4.58 12.30
C ILE B 38 6.43 -3.23 12.70
N GLU B 39 5.80 -2.59 13.68
CA GLU B 39 6.20 -1.28 14.19
C GLU B 39 6.73 -1.46 15.61
N VAL B 40 8.04 -1.58 15.74
CA VAL B 40 8.69 -1.70 17.04
C VAL B 40 9.14 -0.30 17.48
N ASP B 41 8.70 0.11 18.66
CA ASP B 41 9.00 1.43 19.19
C ASP B 41 9.35 1.32 20.67
N LEU B 42 10.42 2.00 21.07
CA LEU B 42 10.80 2.10 22.47
C LEU B 42 10.24 3.38 23.05
N LEU B 43 9.69 3.29 24.26
CA LEU B 43 8.98 4.40 24.89
C LEU B 43 9.68 4.80 26.17
N LYS B 44 9.93 6.10 26.32
CA LYS B 44 10.51 6.68 27.53
C LYS B 44 9.47 7.56 28.18
N ASN B 45 8.89 7.08 29.29
CA ASN B 45 7.84 7.79 30.02
C ASN B 45 6.63 8.07 29.14
N GLY B 46 6.41 7.23 28.11
CA GLY B 46 5.27 7.34 27.22
C GLY B 46 5.61 7.83 25.83
N GLU B 47 6.60 8.72 25.71
CA GLU B 47 6.95 9.30 24.42
C GLU B 47 7.80 8.33 23.60
N ARG B 48 7.61 8.39 22.28
CA ARG B 48 8.39 7.55 21.37
C ARG B 48 9.86 7.97 21.38
N ILE B 49 10.75 7.00 21.56
CA ILE B 49 12.18 7.27 21.55
C ILE B 49 12.68 7.30 20.11
N GLU B 50 13.37 8.36 19.75
CA GLU B 50 13.97 8.49 18.44
C GLU B 50 15.41 7.98 18.45
N LYS B 51 15.98 7.86 17.26
CA LYS B 51 17.37 7.41 17.09
C LYS B 51 17.58 6.01 17.67
N VAL B 52 16.68 5.10 17.32
CA VAL B 52 16.74 3.71 17.76
C VAL B 52 17.26 2.87 16.60
N GLU B 53 18.44 2.29 16.79
CA GLU B 53 19.05 1.46 15.76
C GLU B 53 18.64 0.00 15.94
N HIS B 54 18.65 -0.75 14.84
CA HIS B 54 18.31 -2.17 14.90
C HIS B 54 19.35 -2.99 14.15
N SER B 55 19.10 -4.29 14.10
CA SER B 55 19.86 -5.25 13.33
C SER B 55 19.16 -5.51 11.99
N ASP B 56 19.93 -6.05 11.04
CA ASP B 56 19.34 -6.44 9.77
C ASP B 56 18.43 -7.65 9.95
N LEU B 57 17.26 -7.59 9.34
CA LEU B 57 16.23 -8.59 9.59
C LEU B 57 16.67 -9.96 9.07
N SER B 58 16.20 -11.01 9.75
CA SER B 58 16.54 -12.38 9.38
C SER B 58 15.46 -13.31 9.94
N PHE B 59 15.62 -14.60 9.66
CA PHE B 59 14.65 -15.61 10.07
C PHE B 59 15.37 -16.82 10.65
N SER B 60 14.61 -17.62 11.38
CA SER B 60 15.11 -18.83 12.02
C SER B 60 14.70 -20.05 11.20
N LYS B 61 14.93 -21.24 11.77
CA LYS B 61 14.71 -22.50 11.04
C LYS B 61 13.26 -22.65 10.58
N ASP B 62 12.31 -22.20 11.39
CA ASP B 62 10.90 -22.36 11.03
C ASP B 62 10.45 -21.17 10.18
N TRP B 63 11.40 -20.50 9.53
CA TRP B 63 11.16 -19.27 8.78
C TRP B 63 10.32 -18.30 9.60
N SER B 64 10.75 -18.04 10.81
CA SER B 64 10.08 -17.04 11.62
C SER B 64 11.06 -15.91 11.91
N PHE B 65 10.56 -14.68 11.85
CA PHE B 65 11.40 -13.50 11.75
C PHE B 65 11.73 -12.98 13.14
N TYR B 66 12.97 -12.51 13.31
CA TYR B 66 13.39 -11.92 14.57
C TYR B 66 14.23 -10.66 14.29
N LEU B 67 13.99 -9.64 15.11
CA LEU B 67 14.65 -8.35 14.98
C LEU B 67 15.13 -7.92 16.36
N LEU B 68 16.28 -7.25 16.40
CA LEU B 68 16.82 -6.70 17.63
C LEU B 68 16.86 -5.19 17.51
N TYR B 69 16.27 -4.50 18.49
CA TYR B 69 16.22 -3.05 18.52
C TYR B 69 16.80 -2.57 19.84
N TYR B 70 17.70 -1.60 19.78
CA TYR B 70 18.48 -1.19 20.94
C TYR B 70 18.76 0.30 20.87
N THR B 71 19.00 0.89 22.04
CA THR B 71 19.38 2.29 22.16
C THR B 71 20.10 2.50 23.48
N GLU B 72 20.97 3.51 23.51
CA GLU B 72 21.68 3.89 24.72
C GLU B 72 20.89 4.95 25.47
N PHE B 73 21.01 4.92 26.80
CA PHE B 73 20.25 5.83 27.65
C PHE B 73 20.84 5.80 29.06
N THR B 74 20.51 6.83 29.83
CA THR B 74 20.90 6.91 31.24
C THR B 74 19.65 6.88 32.10
N PRO B 75 19.38 5.79 32.81
CA PRO B 75 18.16 5.71 33.61
C PRO B 75 18.23 6.57 34.87
N THR B 76 17.07 7.03 35.31
CA THR B 76 16.91 7.77 36.55
C THR B 76 15.89 7.06 37.43
N GLU B 77 15.63 7.65 38.60
CA GLU B 77 14.68 7.05 39.54
C GLU B 77 13.23 7.25 39.11
N LYS B 78 12.92 8.38 38.48
CA LYS B 78 11.54 8.70 38.11
C LYS B 78 11.18 8.29 36.68
N ASP B 79 12.14 7.81 35.90
CA ASP B 79 11.91 7.45 34.51
C ASP B 79 11.61 5.96 34.39
N GLU B 80 10.56 5.63 33.64
CA GLU B 80 10.20 4.25 33.34
C GLU B 80 10.08 4.08 31.83
N TYR B 81 10.52 2.93 31.34
CA TYR B 81 10.64 2.69 29.91
C TYR B 81 9.85 1.45 29.51
N ALA B 82 9.51 1.38 28.22
CA ALA B 82 8.72 0.27 27.71
C ALA B 82 8.99 0.10 26.22
N CYS B 83 8.60 -1.07 25.70
CA CYS B 83 8.77 -1.40 24.29
C CYS B 83 7.40 -1.71 23.71
N ARG B 84 6.97 -0.91 22.74
CA ARG B 84 5.65 -1.02 22.14
C ARG B 84 5.76 -1.64 20.75
N VAL B 85 4.90 -2.61 20.46
CA VAL B 85 4.93 -3.37 19.22
C VAL B 85 3.56 -3.30 18.56
N ASN B 86 3.53 -2.89 17.29
CA ASN B 86 2.32 -2.87 16.48
C ASN B 86 2.48 -3.83 15.32
N HIS B 87 1.45 -4.63 15.05
CA HIS B 87 1.64 -5.75 14.13
C HIS B 87 0.30 -6.20 13.56
N VAL B 88 0.37 -7.01 12.49
CA VAL B 88 -0.85 -7.52 11.85
C VAL B 88 -1.67 -8.33 12.84
N THR B 89 -1.02 -9.20 13.59
CA THR B 89 -1.67 -10.15 14.48
C THR B 89 -2.01 -9.55 15.83
N LEU B 90 -2.08 -8.23 15.94
CA LEU B 90 -2.34 -7.56 17.21
C LEU B 90 -3.54 -6.63 17.07
N SER B 91 -4.53 -6.81 17.95
CA SER B 91 -5.69 -5.93 17.95
C SER B 91 -5.31 -4.53 18.41
N GLN B 92 -4.43 -4.44 19.40
CA GLN B 92 -3.92 -3.18 19.93
C GLN B 92 -2.41 -3.32 20.09
N PRO B 93 -1.67 -2.21 20.08
CA PRO B 93 -0.22 -2.31 20.24
C PRO B 93 0.16 -2.92 21.58
N LYS B 94 0.98 -3.96 21.54
CA LYS B 94 1.40 -4.65 22.75
C LYS B 94 2.59 -3.93 23.36
N ILE B 95 2.48 -3.57 24.64
CA ILE B 95 3.51 -2.83 25.35
C ILE B 95 4.12 -3.74 26.40
N VAL B 96 5.43 -3.90 26.35
CA VAL B 96 6.19 -4.69 27.31
C VAL B 96 7.10 -3.76 28.09
N LYS B 97 6.98 -3.79 29.41
CA LYS B 97 7.74 -2.90 30.28
C LYS B 97 9.09 -3.50 30.63
N TRP B 98 9.99 -2.65 31.12
CA TRP B 98 11.34 -3.05 31.51
C TRP B 98 11.35 -3.24 33.02
N ASP B 99 11.48 -4.49 33.46
CA ASP B 99 11.45 -4.81 34.88
C ASP B 99 12.79 -4.46 35.51
N ARG B 100 12.80 -3.43 36.35
CA ARG B 100 13.99 -2.98 37.05
C ARG B 100 13.78 -3.25 38.55
N ASP B 101 14.09 -4.48 38.96
CA ASP B 101 13.94 -4.92 40.34
C ASP B 101 12.54 -4.61 40.88
N LYS C 11 -11.10 14.03 -24.46
CA LYS C 11 -12.08 14.12 -23.39
C LYS C 11 -13.25 13.18 -23.62
N SER C 12 -13.56 12.93 -24.90
CA SER C 12 -14.62 12.02 -25.28
C SER C 12 -14.20 11.23 -26.50
N VAL C 13 -14.33 9.90 -26.41
CA VAL C 13 -13.92 8.99 -27.49
C VAL C 13 -15.05 8.01 -27.73
N ILE C 14 -15.39 7.80 -29.01
CA ILE C 14 -16.39 6.83 -29.42
C ILE C 14 -15.70 5.77 -30.27
N ARG C 15 -16.03 4.50 -30.02
CA ARG C 15 -15.41 3.41 -30.75
C ARG C 15 -16.40 2.25 -30.85
N GLN C 16 -16.15 1.38 -31.81
CA GLN C 16 -16.97 0.19 -32.01
C GLN C 16 -16.35 -1.01 -31.31
N THR C 17 -17.13 -2.08 -31.21
CA THR C 17 -16.65 -3.30 -30.57
C THR C 17 -15.60 -3.98 -31.43
N GLY C 18 -14.57 -4.53 -30.78
CA GLY C 18 -13.54 -5.29 -31.43
C GLY C 18 -12.36 -4.48 -31.94
N SER C 19 -12.48 -3.17 -32.00
CA SER C 19 -11.40 -2.31 -32.47
C SER C 19 -10.50 -1.92 -31.30
N SER C 20 -9.60 -0.97 -31.54
CA SER C 20 -8.66 -0.50 -30.53
C SER C 20 -8.97 0.95 -30.17
N ALA C 21 -8.50 1.36 -29.00
CA ALA C 21 -8.71 2.72 -28.51
C ALA C 21 -7.50 3.14 -27.69
N GLU C 22 -7.11 4.40 -27.82
CA GLU C 22 -5.98 4.96 -27.08
C GLU C 22 -6.44 6.21 -26.35
N ILE C 23 -6.28 6.21 -25.02
CA ILE C 23 -6.63 7.35 -24.19
C ILE C 23 -5.35 8.06 -23.76
N THR C 24 -5.28 9.35 -24.02
CA THR C 24 -4.18 10.19 -23.58
C THR C 24 -4.65 11.01 -22.39
N CYS C 25 -3.95 10.92 -21.28
CA CYS C 25 -4.32 11.63 -20.06
C CYS C 25 -3.21 12.60 -19.67
N ASP C 26 -3.60 13.63 -18.92
CA ASP C 26 -2.71 14.74 -18.58
C ASP C 26 -2.58 14.85 -17.06
N LEU C 27 -1.39 15.24 -16.62
CA LEU C 27 -1.11 15.46 -15.20
C LEU C 27 -0.35 16.76 -15.04
N ALA C 28 -0.51 17.39 -13.88
CA ALA C 28 0.07 18.70 -13.63
C ALA C 28 1.60 18.59 -13.56
N GLU C 29 2.27 19.04 -14.63
CA GLU C 29 3.73 18.95 -14.77
C GLU C 29 4.11 17.48 -14.57
N GLY C 30 5.24 17.16 -13.95
CA GLY C 30 5.40 15.83 -13.42
C GLY C 30 6.03 15.76 -12.05
N SER C 31 5.24 15.37 -11.05
CA SER C 31 5.77 14.82 -9.80
C SER C 31 5.58 13.30 -9.80
N THR C 32 6.13 12.66 -10.83
CA THR C 32 5.71 11.33 -11.22
C THR C 32 6.72 10.27 -10.79
N GLY C 33 6.22 9.25 -10.08
CA GLY C 33 6.94 8.01 -9.86
C GLY C 33 6.24 6.90 -10.62
N TYR C 34 5.43 6.12 -9.91
CA TYR C 34 4.54 5.15 -10.56
C TYR C 34 3.20 5.81 -10.85
N ILE C 35 2.59 5.41 -11.96
CA ILE C 35 1.31 5.96 -12.40
C ILE C 35 0.28 4.84 -12.45
N HIS C 36 -0.95 5.15 -12.01
CA HIS C 36 -2.03 4.19 -11.94
C HIS C 36 -3.18 4.62 -12.85
N TRP C 37 -3.91 3.63 -13.36
CA TRP C 37 -5.09 3.84 -14.18
C TRP C 37 -6.33 3.33 -13.45
N TYR C 38 -7.36 4.16 -13.41
CA TYR C 38 -8.61 3.81 -12.74
C TYR C 38 -9.76 3.89 -13.74
N LEU C 39 -10.76 3.02 -13.55
CA LEU C 39 -11.94 2.98 -14.39
C LEU C 39 -13.15 3.34 -13.54
N HIS C 40 -13.98 4.25 -14.04
CA HIS C 40 -15.16 4.71 -13.33
C HIS C 40 -16.40 4.43 -14.16
N GLN C 41 -17.38 3.76 -13.55
CA GLN C 41 -18.66 3.48 -14.18
C GLN C 41 -19.78 3.97 -13.26
N GLU C 42 -20.73 4.71 -13.83
CA GLU C 42 -21.82 5.26 -13.03
C GLU C 42 -22.66 4.15 -12.43
N GLY C 43 -22.91 4.25 -11.12
CA GLY C 43 -23.64 3.24 -10.41
C GLY C 43 -22.73 2.31 -9.63
N LYS C 44 -21.60 1.93 -10.23
CA LYS C 44 -20.63 1.05 -9.60
C LYS C 44 -19.58 1.90 -8.89
N ALA C 45 -18.49 1.24 -8.44
CA ALA C 45 -17.40 1.91 -7.75
C ALA C 45 -16.14 1.89 -8.60
N PRO C 46 -15.34 2.97 -8.57
CA PRO C 46 -14.13 3.00 -9.39
C PRO C 46 -13.04 2.08 -8.82
N GLN C 47 -12.40 1.35 -9.72
CA GLN C 47 -11.34 0.41 -9.37
C GLN C 47 -10.13 0.64 -10.27
N ARG C 48 -8.97 0.19 -9.81
CA ARG C 48 -7.74 0.30 -10.58
C ARG C 48 -7.57 -0.93 -11.46
N LEU C 49 -7.23 -0.71 -12.72
CA LEU C 49 -7.02 -1.79 -13.67
C LEU C 49 -5.55 -2.21 -13.76
N LEU C 50 -4.64 -1.24 -13.74
CA LEU C 50 -3.22 -1.53 -13.90
C LEU C 50 -2.44 -0.27 -13.53
N TYR C 51 -1.14 -0.45 -13.28
CA TYR C 51 -0.24 0.66 -13.02
C TYR C 51 1.03 0.47 -13.85
N TYR C 52 1.66 1.58 -14.20
CA TYR C 52 2.83 1.59 -15.06
C TYR C 52 4.05 2.08 -14.27
N ASP C 53 5.11 1.27 -14.27
CA ASP C 53 6.38 1.63 -13.63
C ASP C 53 7.34 2.02 -14.75
N SER C 54 7.58 3.32 -14.89
CA SER C 54 8.42 3.80 -15.99
C SER C 54 9.87 3.43 -15.81
N TYR C 55 10.34 3.30 -14.56
CA TYR C 55 11.75 3.01 -14.32
C TYR C 55 12.16 1.65 -14.84
N THR C 56 11.21 0.76 -15.10
CA THR C 56 11.53 -0.54 -15.68
C THR C 56 10.53 -0.95 -16.76
N SER C 57 9.63 -0.06 -17.18
CA SER C 57 8.61 -0.35 -18.20
C SER C 57 7.79 -1.59 -17.80
N SER C 58 7.45 -1.67 -16.52
CA SER C 58 6.70 -2.80 -15.99
C SER C 58 5.22 -2.51 -16.05
N VAL C 59 4.47 -3.38 -16.72
CA VAL C 59 3.02 -3.23 -16.88
C VAL C 59 2.39 -4.53 -16.36
N VAL C 60 2.01 -4.54 -15.09
CA VAL C 60 1.36 -5.69 -14.48
C VAL C 60 -0.10 -5.35 -14.25
N LEU C 61 -0.98 -6.32 -14.54
CA LEU C 61 -2.41 -6.15 -14.36
C LEU C 61 -2.76 -6.36 -12.89
N GLU C 62 -4.05 -6.47 -12.59
CA GLU C 62 -4.47 -6.65 -11.21
C GLU C 62 -5.65 -7.62 -11.15
N SER C 63 -5.57 -8.58 -10.23
CA SER C 63 -6.65 -9.54 -9.92
C SER C 63 -7.03 -10.26 -11.22
N GLY C 64 -8.32 -10.42 -11.50
CA GLY C 64 -8.77 -11.17 -12.66
C GLY C 64 -8.99 -10.32 -13.89
N ILE C 65 -7.97 -9.57 -14.28
CA ILE C 65 -8.02 -8.75 -15.49
C ILE C 65 -7.27 -9.52 -16.59
N SER C 66 -7.90 -9.63 -17.76
CA SER C 66 -7.33 -10.40 -18.85
C SER C 66 -5.99 -9.80 -19.28
N PRO C 67 -4.89 -10.53 -19.21
CA PRO C 67 -3.60 -9.98 -19.62
C PRO C 67 -3.58 -9.62 -21.09
N GLY C 68 -2.92 -8.51 -21.41
CA GLY C 68 -2.82 -8.03 -22.76
C GLY C 68 -3.96 -7.14 -23.21
N LYS C 69 -5.06 -7.08 -22.46
CA LYS C 69 -6.18 -6.24 -22.86
C LYS C 69 -5.86 -4.76 -22.74
N TYR C 70 -5.06 -4.37 -21.75
CA TYR C 70 -4.67 -3.00 -21.53
C TYR C 70 -3.15 -2.88 -21.57
N ASP C 71 -2.67 -1.85 -22.28
CA ASP C 71 -1.24 -1.57 -22.37
C ASP C 71 -1.02 -0.07 -22.25
N THR C 72 0.16 0.30 -21.74
CA THR C 72 0.51 1.70 -21.56
C THR C 72 1.99 1.89 -21.89
N TYR C 73 2.30 2.97 -22.62
CA TYR C 73 3.65 3.24 -23.05
C TYR C 73 4.05 4.71 -22.99
N GLY C 74 3.20 5.60 -22.48
CA GLY C 74 3.51 7.01 -22.50
C GLY C 74 4.78 7.35 -21.76
N SER C 75 5.84 7.67 -22.51
CA SER C 75 7.14 7.97 -21.90
C SER C 75 7.30 9.47 -21.66
N THR C 76 6.32 10.07 -21.00
CA THR C 76 6.34 11.49 -20.69
C THR C 76 5.54 11.71 -19.42
N ARG C 77 5.99 12.64 -18.59
CA ARG C 77 5.32 12.89 -17.31
C ARG C 77 3.88 13.36 -17.52
N LYS C 78 3.66 14.25 -18.48
CA LYS C 78 2.34 14.81 -18.72
C LYS C 78 1.62 14.20 -19.92
N ASN C 79 2.36 13.70 -20.91
CA ASN C 79 1.78 13.14 -22.13
C ASN C 79 1.96 11.62 -22.07
N LEU C 80 1.00 10.95 -21.47
CA LEU C 80 1.04 9.51 -21.24
C LEU C 80 -0.20 8.85 -21.82
N ARG C 81 0.00 7.68 -22.44
CA ARG C 81 -1.05 7.00 -23.20
C ARG C 81 -1.33 5.63 -22.61
N MET C 82 -2.58 5.19 -22.77
CA MET C 82 -2.99 3.83 -22.46
C MET C 82 -3.87 3.35 -23.59
N ILE C 83 -3.59 2.16 -24.11
CA ILE C 83 -4.34 1.60 -25.23
C ILE C 83 -5.04 0.33 -24.76
N LEU C 84 -6.35 0.28 -24.92
CA LEU C 84 -7.16 -0.89 -24.59
C LEU C 84 -7.71 -1.48 -25.88
N ARG C 85 -7.63 -2.80 -25.98
CA ARG C 85 -7.84 -3.51 -27.24
C ARG C 85 -8.92 -4.57 -27.10
N ASN C 86 -9.51 -4.91 -28.24
CA ASN C 86 -10.64 -5.83 -28.32
C ASN C 86 -11.78 -5.36 -27.42
N LEU C 87 -12.24 -4.14 -27.71
CA LEU C 87 -13.28 -3.51 -26.90
C LEU C 87 -14.58 -4.31 -26.97
N ILE C 88 -15.31 -4.31 -25.86
CA ILE C 88 -16.63 -4.91 -25.77
C ILE C 88 -17.60 -3.84 -25.31
N GLU C 89 -18.89 -4.20 -25.31
CA GLU C 89 -19.92 -3.27 -24.88
C GLU C 89 -19.89 -2.99 -23.38
N ASN C 90 -19.03 -3.68 -22.64
CA ASN C 90 -18.95 -3.57 -21.18
C ASN C 90 -17.90 -2.56 -20.71
N ASP C 91 -16.67 -2.65 -21.23
CA ASP C 91 -15.58 -1.80 -20.75
C ASP C 91 -15.68 -0.39 -21.34
N SER C 92 -16.77 0.28 -20.99
CA SER C 92 -17.02 1.65 -21.41
C SER C 92 -17.28 2.52 -20.18
N GLY C 93 -16.59 3.66 -20.12
CA GLY C 93 -16.74 4.55 -18.98
C GLY C 93 -15.67 5.61 -18.99
N VAL C 94 -15.48 6.24 -17.83
CA VAL C 94 -14.45 7.26 -17.66
C VAL C 94 -13.16 6.58 -17.26
N TYR C 95 -12.04 7.09 -17.78
CA TYR C 95 -10.73 6.51 -17.53
C TYR C 95 -9.81 7.60 -16.99
N TYR C 96 -9.24 7.37 -15.81
CA TYR C 96 -8.40 8.35 -15.14
C TYR C 96 -6.96 7.87 -15.05
N CYS C 97 -6.04 8.82 -14.97
CA CYS C 97 -4.66 8.57 -14.60
C CYS C 97 -4.37 9.25 -13.28
N ALA C 98 -3.67 8.54 -12.39
CA ALA C 98 -3.38 9.07 -11.07
C ALA C 98 -1.95 8.74 -10.68
N THR C 99 -1.36 9.64 -9.89
CA THR C 99 -0.05 9.41 -9.30
C THR C 99 -0.02 10.07 -7.93
N TRP C 100 0.78 9.51 -7.04
CA TRP C 100 0.86 10.05 -5.69
C TRP C 100 1.71 11.32 -5.66
N ASP C 101 1.59 12.06 -4.57
CA ASP C 101 2.39 13.26 -4.38
C ASP C 101 3.84 12.88 -4.05
N GLY C 102 4.70 13.90 -3.98
CA GLY C 102 6.04 13.68 -3.45
C GLY C 102 6.01 13.29 -1.99
N ASP C 103 5.08 13.87 -1.23
CA ASP C 103 4.91 13.53 0.18
C ASP C 103 4.15 12.23 0.38
N TYR C 104 3.61 11.64 -0.68
CA TYR C 104 2.73 10.47 -0.64
C TYR C 104 1.48 10.72 0.20
N TYR C 105 1.17 11.96 0.52
CA TYR C 105 0.02 12.30 1.34
C TYR C 105 -1.27 12.43 0.54
N LYS C 106 -1.16 12.77 -0.74
CA LYS C 106 -2.32 12.96 -1.61
C LYS C 106 -2.03 12.34 -2.97
N LYS C 107 -2.98 11.55 -3.47
CA LYS C 107 -2.87 10.94 -4.79
C LYS C 107 -3.62 11.83 -5.79
N LEU C 108 -2.87 12.55 -6.61
CA LEU C 108 -3.45 13.48 -7.56
C LEU C 108 -3.91 12.74 -8.82
N PHE C 109 -5.09 13.09 -9.30
CA PHE C 109 -5.70 12.44 -10.45
C PHE C 109 -5.65 13.35 -11.67
N GLY C 110 -5.88 12.75 -12.84
CA GLY C 110 -5.87 13.46 -14.10
C GLY C 110 -7.23 14.02 -14.46
N SER C 111 -7.40 14.29 -15.75
CA SER C 111 -8.65 14.86 -16.24
C SER C 111 -9.72 13.79 -16.42
N GLY C 112 -9.45 12.79 -17.24
CA GLY C 112 -10.40 11.72 -17.47
C GLY C 112 -10.99 11.72 -18.88
N THR C 113 -10.97 10.57 -19.53
CA THR C 113 -11.50 10.41 -20.87
C THR C 113 -12.74 9.52 -20.83
N THR C 114 -13.84 10.03 -21.38
CA THR C 114 -15.09 9.27 -21.45
C THR C 114 -15.07 8.39 -22.69
N LEU C 115 -15.22 7.08 -22.50
CA LEU C 115 -15.17 6.11 -23.59
C LEU C 115 -16.50 5.39 -23.66
N VAL C 116 -17.13 5.43 -24.84
CA VAL C 116 -18.39 4.74 -25.10
C VAL C 116 -18.17 3.76 -26.24
N VAL C 117 -18.80 2.59 -26.14
CA VAL C 117 -18.64 1.52 -27.11
C VAL C 117 -20.02 1.06 -27.57
N THR C 118 -20.18 0.89 -28.89
CA THR C 118 -21.44 0.45 -29.46
C THR C 118 -21.17 -0.67 -30.47
N GLU C 119 -22.20 -1.47 -30.71
CA GLU C 119 -22.07 -2.63 -31.60
C GLU C 119 -21.71 -2.22 -33.02
N ASP C 120 -22.61 -1.49 -33.68
CA ASP C 120 -22.39 -1.00 -35.03
C ASP C 120 -21.95 0.46 -34.98
N LEU C 121 -21.22 0.87 -36.03
CA LEU C 121 -20.75 2.26 -36.07
C LEU C 121 -21.88 3.25 -36.31
N LYS C 122 -23.13 2.78 -36.44
CA LYS C 122 -24.29 3.65 -36.48
C LYS C 122 -24.78 3.87 -35.04
N ASN C 123 -26.01 4.36 -34.89
CA ASN C 123 -26.64 4.72 -33.62
C ASN C 123 -26.09 6.05 -33.13
N VAL C 124 -25.09 6.58 -33.82
CA VAL C 124 -24.53 7.89 -33.53
C VAL C 124 -25.14 8.88 -34.50
N PHE C 125 -25.59 10.02 -33.98
CA PHE C 125 -26.26 11.03 -34.79
C PHE C 125 -26.01 12.39 -34.16
N PRO C 126 -25.89 13.44 -34.97
CA PRO C 126 -25.69 14.79 -34.43
C PRO C 126 -26.96 15.30 -33.76
N PRO C 127 -26.86 16.34 -32.92
CA PRO C 127 -28.04 16.85 -32.22
C PRO C 127 -29.03 17.54 -33.14
N GLU C 128 -30.17 17.94 -32.58
CA GLU C 128 -31.19 18.71 -33.31
C GLU C 128 -31.52 19.92 -32.43
N VAL C 129 -30.73 20.98 -32.58
CA VAL C 129 -30.85 22.15 -31.71
C VAL C 129 -31.72 23.19 -32.40
N ALA C 130 -32.69 23.72 -31.66
CA ALA C 130 -33.57 24.76 -32.16
C ALA C 130 -34.16 25.52 -30.98
N VAL C 131 -34.54 26.77 -31.23
CA VAL C 131 -35.10 27.64 -30.21
C VAL C 131 -36.62 27.61 -30.31
N PHE C 132 -37.29 27.57 -29.15
CA PHE C 132 -38.74 27.43 -29.08
C PHE C 132 -39.38 28.75 -28.68
N GLU C 133 -40.71 28.80 -28.83
CA GLU C 133 -41.48 29.99 -28.53
C GLU C 133 -41.96 29.94 -27.08
N PRO C 134 -41.60 30.91 -26.25
CA PRO C 134 -42.04 30.90 -24.84
C PRO C 134 -43.49 31.32 -24.67
N SER C 135 -43.92 31.47 -23.41
CA SER C 135 -45.29 31.87 -23.11
C SER C 135 -45.56 33.28 -23.64
N GLU C 136 -46.82 33.51 -24.03
CA GLU C 136 -47.24 34.81 -24.53
C GLU C 136 -47.37 35.86 -23.44
N ALA C 137 -47.31 35.47 -22.17
CA ALA C 137 -47.39 36.45 -21.09
C ALA C 137 -46.19 37.39 -21.13
N GLU C 138 -44.98 36.83 -21.10
CA GLU C 138 -43.73 37.59 -21.23
C GLU C 138 -43.66 38.73 -20.23
N ILE C 139 -43.85 39.96 -20.71
CA ILE C 139 -43.77 41.13 -19.85
C ILE C 139 -44.87 41.11 -18.79
N SER C 140 -46.08 40.73 -19.19
CA SER C 140 -47.21 40.68 -18.26
C SER C 140 -47.02 39.55 -17.25
N GLN C 143 -42.34 41.08 -16.29
CA GLN C 143 -41.34 41.86 -17.00
C GLN C 143 -40.08 41.04 -17.24
N LYS C 144 -40.26 39.78 -17.66
CA LYS C 144 -39.15 38.89 -17.92
C LYS C 144 -39.51 37.96 -19.07
N ALA C 145 -38.48 37.41 -19.71
CA ALA C 145 -38.65 36.49 -20.82
C ALA C 145 -37.62 35.39 -20.71
N THR C 146 -37.95 34.21 -21.26
CA THR C 146 -37.10 33.02 -21.13
C THR C 146 -37.13 32.25 -22.45
N LEU C 147 -36.08 32.40 -23.24
CA LEU C 147 -35.90 31.63 -24.47
C LEU C 147 -34.99 30.44 -24.20
N VAL C 148 -35.33 29.29 -24.76
CA VAL C 148 -34.64 28.04 -24.50
C VAL C 148 -34.44 27.29 -25.81
N CYS C 149 -33.28 26.64 -25.95
CA CYS C 149 -32.99 25.77 -27.08
C CYS C 149 -32.79 24.35 -26.58
N LEU C 150 -33.34 23.39 -27.32
CA LEU C 150 -33.28 21.98 -26.95
C LEU C 150 -32.48 21.21 -27.99
N ALA C 151 -31.48 20.48 -27.55
CA ALA C 151 -30.69 19.60 -28.41
C ALA C 151 -31.15 18.16 -28.16
N THR C 152 -31.65 17.50 -29.20
CA THR C 152 -32.19 16.16 -29.08
C THR C 152 -31.74 15.32 -30.26
N GLY C 153 -32.00 14.02 -30.17
CA GLY C 153 -31.68 13.10 -31.23
C GLY C 153 -30.19 12.88 -31.43
N PHE C 154 -29.39 12.99 -30.38
CA PHE C 154 -27.95 12.80 -30.46
C PHE C 154 -27.52 11.68 -29.52
N TYR C 155 -26.52 10.92 -29.96
CA TYR C 155 -25.95 9.81 -29.24
C TYR C 155 -24.50 9.74 -29.70
N PRO C 156 -23.52 9.60 -28.79
CA PRO C 156 -23.64 9.44 -27.34
C PRO C 156 -24.10 10.71 -26.62
N ASP C 157 -24.55 10.56 -25.37
CA ASP C 157 -25.14 11.66 -24.61
C ASP C 157 -24.05 12.50 -23.94
N HIS C 158 -23.13 13.01 -24.76
CA HIS C 158 -22.00 13.80 -24.29
C HIS C 158 -21.71 14.88 -25.33
N VAL C 159 -22.29 16.07 -25.11
CA VAL C 159 -22.09 17.21 -26.01
C VAL C 159 -21.87 18.47 -25.17
N GLU C 160 -21.31 19.48 -25.82
CA GLU C 160 -21.15 20.80 -25.23
C GLU C 160 -22.18 21.75 -25.81
N LEU C 161 -22.55 22.77 -25.03
CA LEU C 161 -23.65 23.64 -25.44
C LEU C 161 -23.46 25.02 -24.81
N SER C 162 -23.61 26.05 -25.65
CA SER C 162 -23.55 27.44 -25.23
C SER C 162 -24.61 28.22 -26.01
N TRP C 163 -24.71 29.52 -25.73
CA TRP C 163 -25.78 30.35 -26.31
C TRP C 163 -25.27 31.34 -27.34
N TRP C 164 -24.22 32.11 -27.03
CA TRP C 164 -23.57 33.00 -28.01
C TRP C 164 -24.56 33.99 -28.62
N VAL C 165 -25.05 34.89 -27.78
CA VAL C 165 -25.95 35.95 -28.22
C VAL C 165 -25.13 37.16 -28.66
N ASN C 166 -25.54 37.78 -29.77
CA ASN C 166 -24.92 38.99 -30.29
C ASN C 166 -23.43 38.82 -30.57
N GLY C 167 -23.03 37.62 -30.99
CA GLY C 167 -21.62 37.36 -31.25
C GLY C 167 -20.73 37.46 -30.03
N LYS C 168 -21.18 36.92 -28.89
CA LYS C 168 -20.41 36.95 -27.67
C LYS C 168 -20.83 35.77 -26.79
N GLU C 169 -19.86 35.16 -26.12
CA GLU C 169 -20.13 33.99 -25.30
C GLU C 169 -20.91 34.35 -24.05
N VAL C 170 -21.84 33.49 -23.66
CA VAL C 170 -22.65 33.70 -22.46
C VAL C 170 -21.91 33.15 -21.25
N HIS C 171 -22.02 33.87 -20.13
CA HIS C 171 -21.41 33.45 -18.88
C HIS C 171 -22.43 33.20 -17.78
N SER C 172 -23.30 34.17 -17.50
CA SER C 172 -24.23 34.12 -16.39
C SER C 172 -25.67 34.08 -16.90
N GLY C 173 -26.60 33.98 -15.96
CA GLY C 173 -28.01 33.97 -16.30
C GLY C 173 -28.51 32.73 -16.99
N VAL C 174 -27.79 31.61 -16.84
CA VAL C 174 -28.18 30.36 -17.49
C VAL C 174 -27.79 29.20 -16.61
N CYS C 175 -28.74 28.29 -16.37
CA CYS C 175 -28.46 26.99 -15.78
C CYS C 175 -28.84 25.93 -16.80
N THR C 176 -27.90 25.04 -17.12
CA THR C 176 -28.10 24.02 -18.13
C THR C 176 -28.40 22.68 -17.47
N ASP C 177 -29.36 21.94 -18.04
CA ASP C 177 -29.68 20.61 -17.56
C ASP C 177 -28.44 19.73 -17.64
N PRO C 178 -27.85 19.36 -16.50
CA PRO C 178 -26.56 18.66 -16.55
C PRO C 178 -26.66 17.24 -17.08
N GLN C 179 -27.69 16.50 -16.68
CA GLN C 179 -27.84 15.11 -17.10
C GLN C 179 -28.78 15.04 -18.29
N PRO C 180 -28.30 14.71 -19.48
CA PRO C 180 -29.20 14.53 -20.62
C PRO C 180 -30.12 13.34 -20.40
N LEU C 181 -31.41 13.53 -20.68
CA LEU C 181 -32.43 12.51 -20.46
C LEU C 181 -32.69 11.79 -21.78
N LYS C 182 -32.66 10.46 -21.73
CA LYS C 182 -32.83 9.65 -22.94
C LYS C 182 -34.26 9.76 -23.46
N GLU C 183 -34.41 9.96 -24.77
CA GLU C 183 -35.73 10.05 -25.36
C GLU C 183 -36.47 8.72 -25.26
N GLN C 184 -35.78 7.61 -25.49
CA GLN C 184 -36.36 6.27 -25.39
C GLN C 184 -35.61 5.50 -24.32
N PRO C 185 -36.13 5.44 -23.09
CA PRO C 185 -35.39 4.79 -22.00
C PRO C 185 -35.44 3.27 -22.02
N ALA C 186 -36.41 2.68 -22.70
CA ALA C 186 -36.54 1.22 -22.73
C ALA C 186 -35.32 0.58 -23.38
N LEU C 187 -35.11 0.84 -24.67
CA LEU C 187 -33.93 0.36 -25.37
C LEU C 187 -32.75 1.27 -25.05
N ASN C 188 -31.73 0.73 -24.40
CA ASN C 188 -30.59 1.54 -24.00
C ASN C 188 -29.61 1.70 -25.15
N ASP C 189 -30.12 2.12 -26.31
CA ASP C 189 -29.28 2.43 -27.47
C ASP C 189 -29.79 3.64 -28.23
N SER C 190 -30.81 4.33 -27.72
CA SER C 190 -31.40 5.48 -28.39
C SER C 190 -30.65 6.76 -27.99
N ARG C 191 -31.21 7.90 -28.34
CA ARG C 191 -30.60 9.19 -28.10
C ARG C 191 -31.15 9.83 -26.83
N TYR C 192 -30.56 10.96 -26.45
CA TYR C 192 -30.95 11.72 -25.28
C TYR C 192 -31.11 13.20 -25.66
N ALA C 193 -31.49 14.01 -24.68
CA ALA C 193 -31.72 15.43 -24.91
C ALA C 193 -31.45 16.21 -23.63
N LEU C 194 -31.16 17.50 -23.79
CA LEU C 194 -30.89 18.38 -22.66
C LEU C 194 -31.38 19.78 -22.98
N SER C 195 -31.69 20.54 -21.93
CA SER C 195 -32.23 21.89 -22.06
C SER C 195 -31.20 22.92 -21.63
N SER C 196 -31.41 24.16 -22.07
CA SER C 196 -30.52 25.28 -21.76
C SER C 196 -31.30 26.55 -21.46
N ARG C 197 -32.31 26.44 -20.60
CA ARG C 197 -33.21 27.56 -20.30
C ARG C 197 -32.46 28.82 -19.88
N LEU C 198 -32.54 29.85 -20.71
CA LEU C 198 -31.93 31.15 -20.42
C LEU C 198 -32.98 32.25 -20.54
N VAL C 200 -33.55 36.43 -19.47
CA VAL C 200 -33.28 37.67 -20.18
C VAL C 200 -34.24 38.76 -19.71
N SER C 201 -33.82 40.01 -19.84
CA SER C 201 -34.62 41.13 -19.35
C SER C 201 -35.77 41.44 -20.31
N ALA C 202 -36.68 42.29 -19.85
CA ALA C 202 -37.81 42.70 -20.68
C ALA C 202 -37.35 43.53 -21.87
N THR C 203 -36.45 44.49 -21.62
CA THR C 203 -36.03 45.41 -22.69
C THR C 203 -35.09 44.74 -23.69
N PHE C 204 -34.51 43.58 -23.34
CA PHE C 204 -33.56 42.94 -24.25
C PHE C 204 -34.28 42.25 -25.40
N TRP C 205 -35.30 41.45 -25.11
CA TRP C 205 -36.03 40.75 -26.16
C TRP C 205 -37.13 41.60 -26.80
N GLN C 206 -37.64 42.60 -26.09
CA GLN C 206 -38.52 43.56 -26.74
C GLN C 206 -37.79 44.33 -27.83
N ASN C 207 -36.48 44.48 -27.69
CA ASN C 207 -35.67 45.07 -28.75
C ASN C 207 -35.58 44.08 -29.91
N PRO C 208 -35.98 44.45 -31.12
CA PRO C 208 -35.97 43.49 -32.23
C PRO C 208 -34.61 43.35 -32.88
N ARG C 209 -33.55 43.81 -32.20
CA ARG C 209 -32.19 43.77 -32.74
C ARG C 209 -31.27 42.87 -31.91
N ASN C 210 -31.84 41.95 -31.13
CA ASN C 210 -31.05 41.03 -30.31
C ASN C 210 -31.05 39.65 -30.95
N HIS C 211 -29.86 39.10 -31.15
CA HIS C 211 -29.68 37.82 -31.83
C HIS C 211 -29.29 36.73 -30.84
N PHE C 212 -29.81 35.53 -31.06
CA PHE C 212 -29.47 34.35 -30.27
C PHE C 212 -29.04 33.25 -31.21
N ARG C 213 -27.84 32.70 -30.98
CA ARG C 213 -27.23 31.70 -31.84
C ARG C 213 -26.81 30.48 -31.03
N CYS C 214 -27.74 29.96 -30.23
CA CYS C 214 -27.46 28.81 -29.37
C CYS C 214 -26.84 27.67 -30.16
N GLN C 215 -25.64 27.27 -29.76
CA GLN C 215 -24.84 26.31 -30.51
C GLN C 215 -24.53 25.09 -29.66
N VAL C 216 -24.36 23.94 -30.32
CA VAL C 216 -24.05 22.69 -29.67
C VAL C 216 -22.83 22.08 -30.34
N GLN C 217 -21.83 21.73 -29.54
CA GLN C 217 -20.63 21.03 -30.02
C GLN C 217 -20.83 19.54 -29.78
N PHE C 218 -20.92 18.77 -30.86
CA PHE C 218 -21.17 17.35 -30.79
C PHE C 218 -19.88 16.58 -31.05
N TYR C 219 -19.63 15.56 -30.23
CA TYR C 219 -18.50 14.67 -30.42
C TYR C 219 -18.95 13.41 -31.15
N GLY C 220 -18.22 13.04 -32.19
CA GLY C 220 -18.55 11.85 -32.96
C GLY C 220 -17.33 11.13 -33.48
N LEU C 221 -17.43 10.65 -34.72
CA LEU C 221 -16.35 9.88 -35.33
C LEU C 221 -15.31 10.84 -35.93
N SER C 222 -14.37 10.30 -36.69
CA SER C 222 -13.33 11.09 -37.33
C SER C 222 -13.16 10.69 -38.78
N GLU C 223 -12.17 11.26 -39.46
CA GLU C 223 -11.93 10.91 -40.86
C GLU C 223 -11.49 9.45 -40.98
N ASN C 224 -10.67 8.97 -40.04
CA ASN C 224 -10.19 7.61 -40.08
C ASN C 224 -11.29 6.58 -39.82
N ASP C 225 -12.45 7.00 -39.32
CA ASP C 225 -13.54 6.09 -39.04
C ASP C 225 -14.27 5.70 -40.33
N GLU C 226 -14.68 4.44 -40.40
CA GLU C 226 -15.45 3.95 -41.54
C GLU C 226 -16.91 4.33 -41.40
N TRP C 227 -17.58 4.50 -42.54
CA TRP C 227 -18.99 4.88 -42.57
C TRP C 227 -19.70 4.12 -43.67
N THR C 228 -20.76 3.40 -43.31
CA THR C 228 -21.53 2.61 -44.26
C THR C 228 -22.99 3.02 -44.36
N GLN C 229 -23.54 3.70 -43.36
CA GLN C 229 -24.94 4.08 -43.39
C GLN C 229 -25.21 5.11 -44.48
N ASP C 230 -26.46 5.15 -44.94
CA ASP C 230 -26.83 6.06 -46.03
C ASP C 230 -26.84 7.52 -45.59
N ARG C 231 -26.91 7.79 -44.29
CA ARG C 231 -26.94 9.16 -43.79
C ARG C 231 -25.52 9.72 -43.77
N ALA C 232 -25.34 10.88 -43.15
CA ALA C 232 -24.04 11.52 -43.05
C ALA C 232 -23.27 11.00 -41.85
N LYS C 233 -21.95 10.96 -41.99
CA LYS C 233 -21.08 10.48 -40.92
C LYS C 233 -21.07 11.50 -39.79
N PRO C 234 -21.47 11.13 -38.58
CA PRO C 234 -21.51 12.10 -37.46
C PRO C 234 -20.12 12.42 -36.90
N VAL C 235 -19.35 13.16 -37.69
CA VAL C 235 -18.08 13.71 -37.21
C VAL C 235 -18.35 14.78 -36.17
N THR C 236 -17.35 15.05 -35.34
CA THR C 236 -17.41 16.18 -34.42
C THR C 236 -17.87 17.44 -35.16
N GLN C 237 -19.03 17.95 -34.78
CA GLN C 237 -19.69 19.04 -35.50
C GLN C 237 -20.15 20.12 -34.54
N ILE C 238 -20.57 21.25 -35.11
CA ILE C 238 -21.15 22.36 -34.36
C ILE C 238 -22.46 22.72 -35.04
N VAL C 239 -23.57 22.42 -34.39
CA VAL C 239 -24.90 22.73 -34.91
C VAL C 239 -25.47 23.87 -34.09
N SER C 240 -25.91 24.94 -34.76
CA SER C 240 -26.40 26.14 -34.11
C SER C 240 -27.71 26.59 -34.74
N ALA C 241 -28.55 27.22 -33.93
CA ALA C 241 -29.82 27.78 -34.36
C ALA C 241 -29.73 29.30 -34.40
N GLU C 242 -30.84 29.94 -34.78
CA GLU C 242 -30.90 31.39 -34.85
C GLU C 242 -32.29 31.87 -34.50
N ALA C 243 -32.37 33.01 -33.82
CA ALA C 243 -33.66 33.57 -33.41
C ALA C 243 -33.49 35.06 -33.18
N TRP C 244 -34.62 35.76 -33.12
CA TRP C 244 -34.64 37.20 -32.91
C TRP C 244 -35.89 37.55 -32.11
N GLY C 245 -36.25 38.83 -32.10
CA GLY C 245 -37.40 39.28 -31.33
C GLY C 245 -38.26 40.25 -32.13
N ARG C 246 -39.53 40.32 -31.73
CA ARG C 246 -40.52 41.20 -32.31
C ARG C 246 -40.76 42.39 -31.37
N ALA C 247 -41.76 43.22 -31.70
CA ALA C 247 -42.12 44.37 -30.89
C ALA C 247 -43.45 44.23 -30.15
N ASP C 248 -44.36 43.40 -30.65
CA ASP C 248 -45.66 43.23 -30.01
C ASP C 248 -45.86 41.80 -29.51
N ALA D 2 -8.41 -7.59 1.37
CA ALA D 2 -9.27 -7.99 2.46
C ALA D 2 -9.97 -6.78 3.08
N GLN D 3 -10.26 -5.78 2.25
CA GLN D 3 -10.87 -4.54 2.70
C GLN D 3 -12.11 -4.24 1.86
N LYS D 4 -13.04 -3.51 2.45
CA LYS D 4 -14.28 -3.13 1.76
C LYS D 4 -14.70 -1.73 2.21
N VAL D 5 -15.19 -0.94 1.26
CA VAL D 5 -15.65 0.42 1.52
C VAL D 5 -16.97 0.63 0.78
N THR D 6 -18.00 1.10 1.49
CA THR D 6 -19.30 1.34 0.91
C THR D 6 -19.94 2.58 1.53
N GLN D 7 -20.90 3.14 0.81
CA GLN D 7 -21.72 4.26 1.28
C GLN D 7 -23.19 3.91 1.09
N ALA D 8 -24.03 4.39 2.02
CA ALA D 8 -25.42 3.99 2.04
C ALA D 8 -26.27 4.79 1.05
N GLN D 9 -26.38 6.09 1.27
CA GLN D 9 -27.28 6.91 0.45
C GLN D 9 -26.71 7.13 -0.94
N SER D 10 -27.60 7.23 -1.92
CA SER D 10 -27.23 7.41 -3.31
C SER D 10 -27.45 8.83 -3.81
N SER D 11 -28.51 9.50 -3.36
CA SER D 11 -28.78 10.87 -3.77
C SER D 11 -29.58 11.58 -2.68
N VAL D 12 -29.11 12.76 -2.29
CA VAL D 12 -29.75 13.57 -1.27
C VAL D 12 -29.78 15.02 -1.72
N SER D 13 -30.45 15.86 -0.93
CA SER D 13 -30.54 17.28 -1.20
C SER D 13 -30.71 18.02 0.12
N MET D 14 -30.00 19.14 0.27
CA MET D 14 -30.01 19.93 1.48
C MET D 14 -30.26 21.39 1.17
N PRO D 15 -30.81 22.15 2.11
CA PRO D 15 -31.03 23.58 1.87
C PRO D 15 -29.70 24.33 1.73
N VAL D 16 -29.75 25.42 0.96
CA VAL D 16 -28.55 26.23 0.74
C VAL D 16 -28.15 26.90 2.04
N ARG D 17 -26.83 27.03 2.23
CA ARG D 17 -26.25 27.65 3.43
C ARG D 17 -26.69 26.92 4.70
N LYS D 18 -26.28 25.66 4.77
CA LYS D 18 -26.67 24.74 5.84
C LYS D 18 -25.46 23.87 6.17
N ALA D 19 -25.69 22.76 6.86
CA ALA D 19 -24.65 21.77 7.11
C ALA D 19 -25.18 20.38 6.76
N VAL D 20 -24.36 19.61 6.04
CA VAL D 20 -24.72 18.26 5.64
C VAL D 20 -23.51 17.34 5.84
N THR D 21 -23.79 16.04 5.89
CA THR D 21 -22.76 15.04 6.15
C THR D 21 -22.93 13.87 5.18
N LEU D 22 -21.85 13.12 4.98
CA LEU D 22 -21.85 11.91 4.17
C LEU D 22 -21.06 10.83 4.89
N ASN D 23 -21.72 9.75 5.26
CA ASN D 23 -21.10 8.68 6.03
C ASN D 23 -20.41 7.68 5.11
N CYS D 24 -19.52 6.89 5.71
CA CYS D 24 -18.77 5.87 4.99
C CYS D 24 -18.35 4.78 5.97
N LEU D 25 -18.55 3.52 5.57
CA LEU D 25 -18.20 2.37 6.38
C LEU D 25 -17.05 1.61 5.72
N TYR D 26 -16.10 1.15 6.53
CA TYR D 26 -14.94 0.43 6.01
C TYR D 26 -14.59 -0.73 6.92
N GLU D 27 -14.39 -1.91 6.32
CA GLU D 27 -13.88 -3.08 7.01
C GLU D 27 -12.43 -3.27 6.60
N THR D 28 -11.51 -2.98 7.50
CA THR D 28 -10.08 -3.02 7.19
C THR D 28 -9.35 -3.90 8.20
N SER D 29 -8.27 -4.51 7.74
CA SER D 29 -7.42 -5.37 8.56
C SER D 29 -6.04 -4.75 8.79
N TRP D 30 -5.91 -3.45 8.59
CA TRP D 30 -4.65 -2.74 8.70
C TRP D 30 -4.62 -1.90 9.97
N TRP D 31 -3.41 -1.60 10.44
CA TRP D 31 -3.24 -0.73 11.60
C TRP D 31 -2.65 0.62 11.24
N SER D 32 -2.32 0.84 9.97
CA SER D 32 -1.79 2.12 9.50
C SER D 32 -2.33 2.36 8.11
N TYR D 33 -3.11 3.42 7.95
CA TYR D 33 -3.81 3.70 6.71
C TYR D 33 -4.43 5.09 6.78
N TYR D 34 -4.44 5.78 5.65
CA TYR D 34 -5.30 6.95 5.51
C TYR D 34 -6.59 6.57 4.81
N ILE D 35 -7.64 7.35 5.07
CA ILE D 35 -8.85 7.35 4.27
C ILE D 35 -9.09 8.78 3.81
N PHE D 36 -9.38 8.95 2.52
CA PHE D 36 -9.62 10.26 1.95
C PHE D 36 -11.04 10.38 1.44
N TRP D 37 -11.42 11.63 1.17
CA TRP D 37 -12.67 11.97 0.50
C TRP D 37 -12.33 12.74 -0.77
N TYR D 38 -13.00 12.39 -1.86
CA TYR D 38 -12.77 13.02 -3.16
C TYR D 38 -14.07 13.61 -3.68
N LYS D 39 -13.92 14.56 -4.61
CA LYS D 39 -15.06 15.28 -5.20
C LYS D 39 -15.04 15.07 -6.71
N GLN D 40 -16.06 14.39 -7.22
CA GLN D 40 -16.22 14.18 -8.66
C GLN D 40 -17.17 15.23 -9.21
N LEU D 41 -16.64 16.15 -10.01
CA LEU D 41 -17.46 17.13 -10.69
C LEU D 41 -18.27 16.44 -11.79
N PRO D 42 -19.37 17.07 -12.24
CA PRO D 42 -20.11 16.49 -13.36
C PRO D 42 -19.30 16.39 -14.64
N SER D 43 -18.24 17.19 -14.78
CA SER D 43 -17.33 17.09 -15.92
C SER D 43 -16.26 16.04 -15.74
N LYS D 44 -16.46 15.10 -14.82
CA LYS D 44 -15.58 13.96 -14.52
C LYS D 44 -14.30 14.37 -13.82
N GLU D 45 -14.08 15.65 -13.53
CA GLU D 45 -12.87 16.07 -12.82
C GLU D 45 -12.90 15.57 -11.38
N MET D 46 -11.75 15.13 -10.90
CA MET D 46 -11.60 14.58 -9.55
C MET D 46 -10.65 15.44 -8.75
N ILE D 47 -11.07 15.82 -7.53
CA ILE D 47 -10.33 16.74 -6.68
C ILE D 47 -10.21 16.17 -5.27
N PHE D 48 -9.00 16.25 -4.71
CA PHE D 48 -8.77 15.84 -3.34
C PHE D 48 -9.42 16.81 -2.36
N LEU D 49 -9.96 16.27 -1.25
CA LEU D 49 -10.63 17.10 -0.25
C LEU D 49 -9.93 17.10 1.09
N ILE D 50 -9.76 15.94 1.73
CA ILE D 50 -9.27 15.89 3.11
C ILE D 50 -8.64 14.53 3.35
N ARG D 51 -7.66 14.50 4.25
CA ARG D 51 -6.90 13.29 4.53
C ARG D 51 -6.86 13.05 6.04
N GLN D 52 -7.27 11.85 6.45
CA GLN D 52 -7.18 11.42 7.84
C GLN D 52 -7.15 9.90 7.87
N GLY D 53 -6.92 9.36 9.05
CA GLY D 53 -6.91 7.91 9.23
C GLY D 53 -6.08 7.51 10.43
N SER D 54 -6.28 6.26 10.86
CA SER D 54 -5.60 5.68 12.02
C SER D 54 -5.70 6.59 13.23
N ASP D 55 -4.59 6.76 13.95
CA ASP D 55 -4.54 7.64 15.13
C ASP D 55 -3.94 8.96 14.69
N GLU D 56 -4.78 9.81 14.08
CA GLU D 56 -4.35 11.10 13.57
C GLU D 56 -5.35 12.18 13.93
N GLN D 57 -5.87 12.13 15.16
CA GLN D 57 -6.80 13.14 15.70
C GLN D 57 -8.02 13.23 14.78
N ASN D 58 -8.63 14.40 14.70
CA ASN D 58 -9.73 14.69 13.79
C ASN D 58 -9.27 15.74 12.79
N ALA D 59 -9.39 15.44 11.51
CA ALA D 59 -8.91 16.34 10.47
C ALA D 59 -9.96 17.41 10.17
N LYS D 60 -9.59 18.67 10.38
CA LYS D 60 -10.37 19.81 9.92
C LYS D 60 -9.41 20.72 9.14
N SER D 61 -9.18 20.39 7.89
CA SER D 61 -8.27 21.15 7.02
C SER D 61 -9.03 22.15 6.16
N GLY D 62 -9.86 23.00 6.76
CA GLY D 62 -10.52 24.07 6.03
C GLY D 62 -11.96 23.80 5.69
N ARG D 63 -12.88 24.38 6.47
CA ARG D 63 -14.31 24.40 6.23
C ARG D 63 -14.94 23.02 6.14
N TYR D 64 -14.23 21.97 6.54
CA TYR D 64 -14.75 20.61 6.49
C TYR D 64 -14.07 19.76 7.54
N SER D 65 -14.87 19.05 8.33
CA SER D 65 -14.37 18.19 9.39
C SER D 65 -14.77 16.74 9.11
N VAL D 66 -14.26 15.84 9.94
CA VAL D 66 -14.55 14.41 9.83
C VAL D 66 -14.90 13.88 11.21
N ASN D 67 -15.99 13.12 11.29
CA ASN D 67 -16.36 12.42 12.51
C ASN D 67 -15.72 11.04 12.47
N PHE D 68 -14.78 10.80 13.37
CA PHE D 68 -13.93 9.60 13.34
C PHE D 68 -14.37 8.66 14.46
N LYS D 69 -14.88 7.50 14.09
CA LYS D 69 -15.22 6.43 15.04
C LYS D 69 -14.39 5.22 14.65
N LYS D 70 -13.15 5.18 15.16
CA LYS D 70 -12.24 4.09 14.80
C LYS D 70 -12.64 2.79 15.47
N ALA D 71 -13.25 2.86 16.66
CA ALA D 71 -13.71 1.64 17.33
C ALA D 71 -14.81 0.96 16.53
N ALA D 72 -15.74 1.73 15.98
CA ALA D 72 -16.85 1.18 15.21
C ALA D 72 -16.58 1.18 13.70
N LYS D 73 -15.40 1.64 13.27
CA LYS D 73 -15.00 1.66 11.86
C LYS D 73 -16.00 2.45 11.01
N SER D 74 -16.07 3.75 11.31
CA SER D 74 -16.93 4.66 10.57
C SER D 74 -16.27 6.03 10.47
N VAL D 75 -16.46 6.69 9.33
CA VAL D 75 -15.99 8.05 9.11
C VAL D 75 -17.07 8.82 8.39
N ALA D 76 -17.37 10.03 8.86
CA ALA D 76 -18.42 10.87 8.28
C ALA D 76 -17.82 12.22 7.91
N LEU D 77 -17.96 12.61 6.64
CA LEU D 77 -17.45 13.88 6.17
C LEU D 77 -18.48 14.98 6.45
N THR D 78 -18.19 15.81 7.44
CA THR D 78 -19.08 16.90 7.82
C THR D 78 -18.65 18.16 7.10
N ILE D 79 -19.48 18.64 6.18
CA ILE D 79 -19.24 19.88 5.45
C ILE D 79 -20.26 20.91 5.93
N SER D 80 -19.78 21.94 6.62
CA SER D 80 -20.61 23.02 7.12
C SER D 80 -20.35 24.27 6.29
N ALA D 81 -21.11 25.32 6.59
CA ALA D 81 -21.13 26.54 5.78
C ALA D 81 -21.37 26.19 4.31
N LEU D 82 -22.48 25.51 4.08
CA LEU D 82 -22.74 24.88 2.78
C LEU D 82 -22.77 25.92 1.67
N GLN D 83 -22.01 25.63 0.61
CA GLN D 83 -22.00 26.47 -0.58
C GLN D 83 -22.87 25.81 -1.64
N LEU D 84 -23.71 26.62 -2.30
CA LEU D 84 -24.51 26.09 -3.40
C LEU D 84 -23.63 25.57 -4.53
N GLU D 85 -22.44 26.17 -4.70
CA GLU D 85 -21.55 25.77 -5.77
C GLU D 85 -21.06 24.34 -5.59
N ASP D 86 -20.72 23.94 -4.36
CA ASP D 86 -20.18 22.61 -4.10
C ASP D 86 -21.31 21.58 -4.11
N SER D 87 -21.84 21.34 -5.32
CA SER D 87 -22.93 20.39 -5.53
C SER D 87 -22.49 19.41 -6.61
N ALA D 88 -21.87 18.31 -6.18
CA ALA D 88 -21.32 17.32 -7.11
C ALA D 88 -21.41 15.95 -6.44
N LYS D 89 -20.70 14.98 -7.01
CA LYS D 89 -20.62 13.64 -6.43
C LYS D 89 -19.38 13.52 -5.55
N TYR D 90 -19.44 12.59 -4.60
CA TYR D 90 -18.37 12.41 -3.63
C TYR D 90 -18.14 10.92 -3.39
N PHE D 91 -16.86 10.54 -3.29
CA PHE D 91 -16.47 9.14 -3.21
C PHE D 91 -15.50 8.93 -2.05
N CYS D 92 -15.66 7.82 -1.35
CA CYS D 92 -14.92 7.52 -0.13
C CYS D 92 -13.83 6.49 -0.43
N ALA D 93 -12.58 6.86 -0.22
CA ALA D 93 -11.42 6.05 -0.60
C ALA D 93 -10.62 5.65 0.64
N LEU D 94 -9.73 4.67 0.45
CA LEU D 94 -8.96 4.10 1.54
C LEU D 94 -7.70 3.47 0.97
N GLY D 95 -6.58 3.61 1.70
CA GLY D 95 -5.31 3.06 1.24
C GLY D 95 -4.33 2.89 2.37
N GLU D 96 -3.31 2.08 2.11
CA GLU D 96 -2.32 1.74 3.12
C GLU D 96 -1.38 2.92 3.41
N LEU D 97 -0.92 2.99 4.65
CA LEU D 97 -0.02 4.07 5.07
C LEU D 97 1.43 3.73 4.74
N ARG D 98 1.92 2.60 5.26
CA ARG D 98 3.34 2.29 5.12
C ARG D 98 3.71 2.08 3.66
N TRP D 99 2.84 1.43 2.89
CA TRP D 99 3.08 1.15 1.49
C TRP D 99 1.91 1.69 0.67
N PRO D 100 1.96 2.96 0.28
CA PRO D 100 0.83 3.56 -0.44
C PRO D 100 0.70 2.99 -1.84
N ASP D 101 -0.51 2.58 -2.18
CA ASP D 101 -0.85 1.93 -3.44
C ASP D 101 -2.29 2.29 -3.76
N LYS D 102 -2.95 1.46 -4.57
CA LYS D 102 -4.30 1.73 -5.04
C LYS D 102 -5.28 2.06 -3.93
N LEU D 103 -6.40 2.67 -4.30
CA LEU D 103 -7.44 3.07 -3.38
C LEU D 103 -8.71 2.28 -3.68
N ILE D 104 -9.48 2.01 -2.62
CA ILE D 104 -10.75 1.32 -2.74
C ILE D 104 -11.85 2.33 -2.43
N PHE D 105 -12.76 2.52 -3.38
CA PHE D 105 -13.75 3.57 -3.32
C PHE D 105 -15.12 3.04 -2.96
N GLY D 106 -16.01 3.96 -2.58
CA GLY D 106 -17.41 3.67 -2.39
C GLY D 106 -18.19 3.82 -3.69
N LYS D 107 -19.50 3.69 -3.58
CA LYS D 107 -20.38 3.78 -4.73
C LYS D 107 -20.78 5.21 -5.07
N GLY D 108 -20.38 6.18 -4.26
CA GLY D 108 -20.65 7.57 -4.59
C GLY D 108 -21.91 8.10 -3.93
N THR D 109 -21.89 9.39 -3.61
CA THR D 109 -23.02 10.08 -2.98
C THR D 109 -23.29 11.35 -3.77
N ARG D 110 -24.35 11.32 -4.60
CA ARG D 110 -24.70 12.46 -5.43
C ARG D 110 -25.40 13.52 -4.60
N VAL D 111 -24.97 14.77 -4.76
CA VAL D 111 -25.46 15.89 -3.96
C VAL D 111 -26.07 16.93 -4.89
N THR D 112 -27.27 17.38 -4.55
CA THR D 112 -27.94 18.44 -5.32
C THR D 112 -28.34 19.59 -4.42
N SER D 136 -44.61 21.77 -29.54
CA SER D 136 -43.56 22.57 -28.92
C SER D 136 -43.37 22.16 -27.46
N VAL D 137 -42.78 23.06 -26.66
CA VAL D 137 -42.52 22.80 -25.26
C VAL D 137 -42.92 24.03 -24.45
N CYS D 138 -43.23 23.80 -23.17
CA CYS D 138 -43.59 24.86 -22.25
C CYS D 138 -42.92 24.60 -20.91
N LEU D 139 -42.32 25.65 -20.34
CA LEU D 139 -41.60 25.56 -19.08
C LEU D 139 -42.38 26.25 -17.97
N PHE D 140 -42.45 25.59 -16.82
CA PHE D 140 -43.17 26.13 -15.66
C PHE D 140 -42.19 26.87 -14.75
N THR D 141 -41.71 28.00 -15.25
CA THR D 141 -40.77 28.83 -14.52
C THR D 141 -41.48 29.63 -13.43
N VAL D 157 -41.85 14.10 -26.35
CA VAL D 157 -42.11 14.07 -24.91
C VAL D 157 -40.81 14.05 -24.13
N TYR D 158 -40.76 14.82 -23.05
CA TYR D 158 -39.58 14.90 -22.22
C TYR D 158 -39.98 15.27 -20.79
N ILE D 159 -39.08 14.99 -19.85
CA ILE D 159 -39.29 15.27 -18.45
C ILE D 159 -38.32 16.33 -17.93
N THR D 160 -37.05 16.26 -18.38
CA THR D 160 -36.02 17.22 -18.02
C THR D 160 -35.78 17.26 -16.51
N ASP D 161 -35.06 18.29 -16.04
CA ASP D 161 -34.74 18.43 -14.63
C ASP D 161 -34.66 19.92 -14.29
N LYS D 162 -34.69 20.20 -12.99
CA LYS D 162 -34.69 21.57 -12.52
C LYS D 162 -33.27 22.05 -12.23
N CYS D 163 -33.07 23.36 -12.34
CA CYS D 163 -31.80 23.99 -12.03
C CYS D 163 -32.01 25.44 -11.60
N SER D 174 -34.44 31.87 -10.92
CA SER D 174 -35.72 31.16 -10.81
C SER D 174 -35.61 29.74 -11.36
N ASN D 175 -36.64 28.94 -11.11
CA ASN D 175 -36.66 27.57 -11.62
C ASN D 175 -36.71 27.59 -13.14
N SER D 176 -35.82 26.81 -13.76
CA SER D 176 -35.67 26.79 -15.21
C SER D 176 -35.90 25.40 -15.78
N ALA D 177 -36.67 24.57 -15.07
CA ALA D 177 -37.01 23.25 -15.58
C ALA D 177 -37.97 23.36 -16.75
N VAL D 178 -37.75 22.51 -17.76
CA VAL D 178 -38.60 22.51 -18.94
C VAL D 178 -39.01 21.09 -19.29
#